data_1YJ8
#
_entry.id   1YJ8
#
_cell.length_a   177.455
_cell.length_b   177.455
_cell.length_c   232.699
_cell.angle_alpha   90.00
_cell.angle_beta   90.00
_cell.angle_gamma   120.00
#
_symmetry.space_group_name_H-M   'P 63 2 2'
#
loop_
_entity.id
_entity.type
_entity.pdbx_description
1 polymer 'glycerol-3-phosphate dehydrogenase'
2 water water
#
_entity_poly.entity_id   1
_entity_poly.type   'polypeptide(L)'
_entity_poly.pdbx_seq_one_letter_code
;MAHHHHHHMYRNLFDKLKDGPLKISILGSGNWASAISKVVGTNAKNNYLFENEVRMWIRDEFVNGERMVDIINNKHENTK
YLKGVPLPHNIVAHSDLASVINDADLLIFIVPCQYLESVLASIKESESIKIASHAKAISLTKGFIVKKNQMKLCSNYISD
FLNIPCSALSGANIAMDVAMENFSEATIGGNDKDSLVIWQRVFDLPYFKINCVNETIEVEICGALKNIITLACGFCDGLN
LPTNSKSAIIRNGINEMILFGKVFFQKFNENILLESCGFADIITSFLAGRNAKCSAEFIKSTPKKTWEELENEILKGQKL
QGTVTLKYVYHMIKEKNMTNEFPLFTVLHKISFENEDPSSLLKTFMNNKINQLNL
;
_entity_poly.pdbx_strand_id   A,B,C
#
# COMPACT_ATOMS: atom_id res chain seq x y z
N TYR A 10 32.86 0.46 -8.38
CA TYR A 10 33.48 -0.89 -8.58
C TYR A 10 32.53 -1.83 -9.31
N ARG A 11 32.98 -2.38 -10.43
CA ARG A 11 32.17 -3.34 -11.18
C ARG A 11 32.68 -4.78 -11.05
N ASN A 12 33.82 -4.97 -10.40
CA ASN A 12 34.33 -6.32 -10.10
C ASN A 12 35.32 -6.32 -8.94
N LEU A 13 35.78 -7.49 -8.52
CA LEU A 13 36.70 -7.58 -7.38
C LEU A 13 38.05 -6.91 -7.61
N PHE A 14 38.52 -6.93 -8.85
CA PHE A 14 39.79 -6.29 -9.20
C PHE A 14 39.71 -4.76 -9.18
N ASP A 15 38.54 -4.22 -9.53
CA ASP A 15 38.26 -2.80 -9.37
C ASP A 15 38.40 -2.41 -7.90
N LYS A 16 37.84 -3.23 -7.02
CA LYS A 16 37.90 -2.98 -5.58
C LYS A 16 39.29 -3.20 -5.02
N LEU A 17 40.00 -4.19 -5.57
CA LEU A 17 41.38 -4.48 -5.15
C LEU A 17 42.35 -3.36 -5.51
N LYS A 18 41.98 -2.52 -6.46
CA LYS A 18 42.79 -1.35 -6.83
C LYS A 18 42.95 -0.41 -5.64
N ASP A 19 41.84 -0.16 -4.94
CA ASP A 19 41.82 0.79 -3.82
C ASP A 19 42.31 0.19 -2.50
N GLY A 20 42.29 -1.13 -2.38
CA GLY A 20 42.74 -1.77 -1.14
C GLY A 20 42.29 -3.21 -0.99
N PRO A 21 42.65 -3.85 0.14
CA PRO A 21 42.36 -5.26 0.33
C PRO A 21 40.88 -5.55 0.52
N LEU A 22 40.45 -6.75 0.15
CA LEU A 22 39.04 -7.14 0.22
C LEU A 22 38.59 -7.45 1.64
N LYS A 23 37.42 -6.96 2.00
CA LYS A 23 36.86 -7.17 3.34
C LYS A 23 35.97 -8.40 3.41
N ILE A 24 36.37 -9.37 4.25
CA ILE A 24 35.62 -10.62 4.40
C ILE A 24 34.67 -10.55 5.59
N SER A 25 33.46 -11.07 5.40
CA SER A 25 32.47 -11.13 6.48
C SER A 25 31.76 -12.49 6.51
N ILE A 26 31.63 -13.03 7.72
CA ILE A 26 30.98 -14.33 7.93
C ILE A 26 29.63 -14.11 8.58
N LEU A 27 28.63 -14.83 8.09
CA LEU A 27 27.30 -14.81 8.69
C LEU A 27 26.97 -16.19 9.22
N GLY A 28 26.72 -16.28 10.52
CA GLY A 28 26.39 -17.56 11.15
C GLY A 28 27.14 -17.84 12.44
N SER A 29 26.50 -18.59 13.32
CA SER A 29 27.10 -19.03 14.58
C SER A 29 26.72 -20.49 14.76
N GLY A 30 27.71 -21.31 15.09
CA GLY A 30 27.56 -22.76 15.05
C GLY A 30 28.93 -23.36 14.95
N ASN A 31 29.01 -24.68 15.12
CA ASN A 31 30.32 -25.33 15.15
C ASN A 31 31.07 -25.18 13.82
N TRP A 32 30.37 -25.35 12.71
CA TRP A 32 30.96 -25.24 11.37
C TRP A 32 31.35 -23.80 11.04
N ALA A 33 30.47 -22.87 11.38
CA ALA A 33 30.75 -21.45 11.20
C ALA A 33 31.99 -21.02 11.99
N SER A 34 32.09 -21.50 13.22
CA SER A 34 33.23 -21.18 14.10
C SER A 34 34.52 -21.79 13.56
N ALA A 35 34.43 -23.04 13.11
CA ALA A 35 35.56 -23.75 12.51
C ALA A 35 36.05 -23.04 11.26
N ILE A 36 35.11 -22.55 10.47
CA ILE A 36 35.41 -21.82 9.24
C ILE A 36 36.04 -20.46 9.56
N SER A 37 35.58 -19.80 10.61
CA SER A 37 36.17 -18.52 11.03
C SER A 37 37.66 -18.69 11.31
N LYS A 38 38.04 -19.86 11.82
CA LYS A 38 39.46 -20.17 12.03
C LYS A 38 40.22 -20.21 10.69
N VAL A 39 39.63 -20.90 9.72
CA VAL A 39 40.22 -21.01 8.39
C VAL A 39 40.32 -19.64 7.71
N VAL A 40 39.18 -18.94 7.67
CA VAL A 40 39.07 -17.64 7.03
C VAL A 40 39.95 -16.58 7.74
N GLY A 41 39.91 -16.57 9.06
CA GLY A 41 40.73 -15.64 9.85
C GLY A 41 42.22 -15.83 9.63
N THR A 42 42.65 -17.09 9.45
CA THR A 42 44.04 -17.39 9.16
C THR A 42 44.47 -16.77 7.83
N ASN A 43 43.74 -17.09 6.76
CA ASN A 43 44.03 -16.56 5.43
C ASN A 43 43.88 -15.05 5.31
N ALA A 44 42.88 -14.49 6.00
CA ALA A 44 42.69 -13.05 6.05
C ALA A 44 43.93 -12.33 6.60
N LYS A 45 44.55 -12.94 7.62
CA LYS A 45 45.78 -12.41 8.20
C LYS A 45 46.97 -12.64 7.26
N ASN A 46 47.16 -13.89 6.84
CA ASN A 46 48.32 -14.28 6.04
C ASN A 46 48.36 -13.72 4.62
N ASN A 47 47.18 -13.44 4.04
CA ASN A 47 47.10 -12.99 2.65
C ASN A 47 46.99 -11.49 2.54
N TYR A 48 47.82 -10.92 1.68
CA TYR A 48 47.89 -9.47 1.46
C TYR A 48 46.64 -8.92 0.74
N LEU A 49 45.95 -9.78 -0.02
CA LEU A 49 44.74 -9.39 -0.74
C LEU A 49 43.56 -9.11 0.19
N PHE A 50 43.56 -9.75 1.36
CA PHE A 50 42.43 -9.65 2.27
C PHE A 50 42.75 -8.76 3.46
N GLU A 51 41.76 -7.97 3.86
CA GLU A 51 41.85 -7.18 5.08
C GLU A 51 41.90 -8.13 6.27
N ASN A 52 42.80 -7.86 7.22
CA ASN A 52 43.05 -8.76 8.34
C ASN A 52 41.82 -9.01 9.19
N GLU A 53 41.06 -7.96 9.48
CA GLU A 53 39.86 -8.11 10.31
C GLU A 53 38.75 -8.79 9.53
N VAL A 54 38.26 -9.91 10.08
CA VAL A 54 37.12 -10.61 9.52
C VAL A 54 35.96 -10.41 10.47
N ARG A 55 34.96 -9.64 10.03
CA ARG A 55 33.77 -9.41 10.84
C ARG A 55 32.82 -10.61 10.73
N MET A 56 32.28 -11.02 11.87
CA MET A 56 31.41 -12.20 11.93
C MET A 56 30.10 -11.87 12.64
N TRP A 57 28.99 -12.04 11.93
CA TRP A 57 27.67 -11.86 12.53
C TRP A 57 27.24 -13.15 13.21
N ILE A 58 26.93 -13.05 14.50
CA ILE A 58 26.44 -14.21 15.25
C ILE A 58 25.08 -13.93 15.86
N ARG A 59 24.28 -14.98 16.03
CA ARG A 59 22.99 -14.86 16.69
C ARG A 59 23.21 -14.47 18.14
N ASP A 60 22.22 -13.80 18.73
CA ASP A 60 22.39 -13.22 20.06
C ASP A 60 22.12 -14.24 21.17
N GLU A 61 23.03 -15.21 21.30
CA GLU A 61 22.91 -16.28 22.29
C GLU A 61 23.82 -15.97 23.48
N PHE A 62 23.87 -16.90 24.44
CA PHE A 62 24.66 -16.73 25.67
C PHE A 62 25.53 -17.97 25.99
N GLU A 66 26.31 -14.79 30.36
CA GLU A 66 27.48 -14.53 29.54
C GLU A 66 27.13 -14.55 28.04
N ARG A 67 27.26 -13.40 27.38
CA ARG A 67 26.80 -13.21 25.99
C ARG A 67 27.85 -13.58 24.93
N MET A 68 27.39 -14.28 23.89
CA MET A 68 28.25 -14.93 22.90
C MET A 68 29.21 -14.00 22.16
N VAL A 69 28.72 -12.82 21.78
CA VAL A 69 29.51 -11.83 21.07
C VAL A 69 30.75 -11.43 21.86
N ASP A 70 30.57 -11.24 23.16
CA ASP A 70 31.64 -10.80 24.06
C ASP A 70 32.64 -11.93 24.31
N ILE A 71 32.15 -13.17 24.39
CA ILE A 71 33.02 -14.33 24.59
C ILE A 71 34.03 -14.42 23.47
N ILE A 72 33.53 -14.36 22.23
CA ILE A 72 34.38 -14.43 21.03
C ILE A 72 35.36 -13.26 20.98
N ASN A 73 34.86 -12.05 21.22
CA ASN A 73 35.71 -10.86 21.16
C ASN A 73 36.78 -10.82 22.26
N ASN A 74 36.46 -11.36 23.43
CA ASN A 74 37.36 -11.30 24.59
C ASN A 74 38.16 -12.58 24.81
N LYS A 75 37.46 -13.70 24.89
CA LYS A 75 38.09 -15.00 25.15
C LYS A 75 38.57 -15.68 23.85
N HIS A 76 38.15 -15.16 22.70
CA HIS A 76 38.55 -15.68 21.38
C HIS A 76 38.36 -17.18 21.27
N GLU A 77 37.14 -17.61 21.56
CA GLU A 77 36.77 -19.01 21.53
C GLU A 77 35.25 -19.10 21.53
N ASN A 78 34.69 -20.00 20.74
CA ASN A 78 33.26 -20.23 20.78
C ASN A 78 32.98 -21.33 21.79
N THR A 79 32.82 -20.92 23.04
CA THR A 79 32.68 -21.84 24.17
C THR A 79 31.40 -22.67 24.14
N LYS A 80 30.43 -22.25 23.32
CA LYS A 80 29.19 -23.00 23.18
C LYS A 80 29.29 -24.06 22.09
N TYR A 81 29.65 -23.65 20.89
CA TYR A 81 29.57 -24.53 19.70
C TYR A 81 30.90 -25.15 19.28
N LEU A 82 32.00 -24.49 19.57
CA LEU A 82 33.32 -25.02 19.24
C LEU A 82 34.23 -24.91 20.47
N LYS A 83 33.78 -25.53 21.56
CA LYS A 83 34.45 -25.47 22.86
C LYS A 83 35.86 -26.04 22.76
N GLY A 84 36.83 -25.31 23.31
CA GLY A 84 38.21 -25.78 23.40
C GLY A 84 39.15 -25.33 22.30
N VAL A 85 38.59 -24.92 21.15
CA VAL A 85 39.38 -24.50 20.00
C VAL A 85 39.61 -22.97 20.01
N PRO A 86 40.86 -22.52 20.19
CA PRO A 86 41.13 -21.09 20.11
C PRO A 86 40.91 -20.54 18.70
N LEU A 87 40.11 -19.48 18.59
CA LEU A 87 39.86 -18.81 17.32
C LEU A 87 40.86 -17.67 17.13
N PRO A 88 41.20 -17.36 15.86
CA PRO A 88 42.11 -16.24 15.59
C PRO A 88 41.53 -14.92 16.09
N HIS A 89 42.39 -14.08 16.67
CA HIS A 89 41.94 -12.84 17.32
C HIS A 89 41.44 -11.79 16.33
N ASN A 90 41.80 -11.94 15.06
CA ASN A 90 41.32 -11.02 14.02
C ASN A 90 39.85 -11.24 13.61
N ILE A 91 39.24 -12.30 14.13
CA ILE A 91 37.79 -12.47 14.04
C ILE A 91 37.17 -11.49 15.03
N VAL A 92 36.13 -10.79 14.57
CA VAL A 92 35.43 -9.81 15.40
C VAL A 92 33.94 -10.08 15.31
N ALA A 93 33.34 -10.43 16.44
CA ALA A 93 31.91 -10.73 16.50
C ALA A 93 31.05 -9.47 16.61
N HIS A 94 29.87 -9.53 15.99
CA HIS A 94 28.88 -8.47 16.07
C HIS A 94 27.49 -9.11 16.15
N SER A 95 26.59 -8.48 16.90
CA SER A 95 25.24 -9.01 17.09
C SER A 95 24.25 -8.55 16.01
N ASP A 96 24.58 -7.45 15.32
CA ASP A 96 23.69 -6.90 14.29
C ASP A 96 24.28 -7.01 12.88
N LEU A 97 23.41 -7.33 11.92
CA LEU A 97 23.83 -7.58 10.55
C LEU A 97 24.57 -6.37 9.94
N ALA A 98 24.07 -5.17 10.21
CA ALA A 98 24.60 -3.95 9.60
C ALA A 98 26.10 -3.76 9.82
N SER A 99 26.55 -4.03 11.04
CA SER A 99 27.96 -3.86 11.39
C SER A 99 28.88 -4.89 10.75
N VAL A 100 28.31 -5.86 10.03
CA VAL A 100 29.08 -6.92 9.39
C VAL A 100 29.01 -6.86 7.86
N ILE A 101 27.82 -6.54 7.34
CA ILE A 101 27.57 -6.60 5.89
C ILE A 101 28.00 -5.32 5.15
N ASN A 102 27.93 -4.18 5.81
CA ASN A 102 28.28 -2.92 5.16
C ASN A 102 29.78 -2.85 4.84
N ASP A 103 30.10 -2.40 3.63
CA ASP A 103 31.47 -2.33 3.14
C ASP A 103 32.14 -3.71 3.02
N ALA A 104 31.35 -4.78 3.02
CA ALA A 104 31.90 -6.12 2.89
C ALA A 104 31.96 -6.51 1.41
N ASP A 105 33.14 -6.95 0.98
CA ASP A 105 33.37 -7.34 -0.41
C ASP A 105 33.04 -8.81 -0.61
N LEU A 106 33.29 -9.62 0.43
CA LEU A 106 33.08 -11.06 0.38
C LEU A 106 32.19 -11.53 1.53
N LEU A 107 31.02 -12.07 1.18
CA LEU A 107 30.04 -12.52 2.17
C LEU A 107 29.94 -14.04 2.23
N ILE A 108 30.36 -14.61 3.37
CA ILE A 108 30.32 -16.05 3.58
C ILE A 108 29.06 -16.40 4.38
N PHE A 109 28.10 -17.06 3.71
CA PHE A 109 26.86 -17.44 4.35
C PHE A 109 26.95 -18.84 4.96
N ILE A 110 27.02 -18.88 6.29
CA ILE A 110 27.01 -20.12 7.05
C ILE A 110 25.81 -20.12 7.99
N VAL A 111 24.63 -19.86 7.43
CA VAL A 111 23.39 -19.75 8.21
C VAL A 111 22.54 -21.00 7.91
N PRO A 112 22.04 -21.68 8.96
CA PRO A 112 21.21 -22.85 8.71
C PRO A 112 19.96 -22.46 7.93
N CYS A 113 19.55 -23.27 6.95
CA CYS A 113 18.39 -22.93 6.11
C CYS A 113 17.08 -22.83 6.90
N GLN A 114 17.08 -23.36 8.12
CA GLN A 114 16.01 -23.12 9.09
C GLN A 114 15.90 -21.65 9.50
N TYR A 115 16.94 -20.86 9.23
CA TYR A 115 16.93 -19.42 9.51
C TYR A 115 17.27 -18.53 8.29
N LEU A 116 17.61 -19.13 7.15
CA LEU A 116 18.16 -18.37 6.03
C LEU A 116 17.22 -17.31 5.47
N GLU A 117 15.93 -17.63 5.38
CA GLU A 117 14.94 -16.69 4.85
C GLU A 117 14.81 -15.42 5.70
N SER A 118 14.76 -15.59 7.02
CA SER A 118 14.66 -14.46 7.94
C SER A 118 15.85 -13.54 7.80
N VAL A 119 17.04 -14.12 7.76
CA VAL A 119 18.29 -13.35 7.69
C VAL A 119 18.32 -12.55 6.38
N LEU A 120 18.08 -13.24 5.26
CA LEU A 120 18.03 -12.58 3.96
C LEU A 120 16.96 -11.47 3.90
N ALA A 121 15.81 -11.74 4.50
CA ALA A 121 14.73 -10.76 4.60
C ALA A 121 15.14 -9.53 5.39
N SER A 122 15.82 -9.75 6.51
CA SER A 122 16.30 -8.64 7.36
C SER A 122 17.32 -7.76 6.66
N ILE A 123 18.17 -8.37 5.84
CA ILE A 123 19.16 -7.65 5.03
C ILE A 123 18.45 -6.75 4.01
N LYS A 124 17.39 -7.26 3.41
CA LYS A 124 16.65 -6.56 2.37
C LYS A 124 15.90 -5.30 2.89
N GLU A 125 15.84 -5.11 4.21
CA GLU A 125 15.16 -3.97 4.83
C GLU A 125 16.11 -2.86 5.28
N ILE A 129 21.75 -1.09 6.36
CA ILE A 129 22.33 -2.26 5.68
C ILE A 129 22.31 -2.10 4.16
N LYS A 130 23.49 -1.95 3.58
CA LYS A 130 23.63 -1.88 2.12
C LYS A 130 24.67 -2.89 1.65
N ILE A 131 24.27 -3.80 0.77
CA ILE A 131 25.20 -4.71 0.11
C ILE A 131 25.85 -3.98 -1.07
N ALA A 132 27.18 -4.01 -1.11
CA ALA A 132 27.91 -3.40 -2.22
C ALA A 132 27.59 -4.14 -3.52
N SER A 133 27.50 -3.39 -4.61
CA SER A 133 27.10 -3.97 -5.90
C SER A 133 28.14 -4.97 -6.45
N HIS A 134 29.42 -4.70 -6.17
CA HIS A 134 30.52 -5.56 -6.59
C HIS A 134 30.74 -6.78 -5.68
N ALA A 135 30.02 -6.81 -4.56
CA ALA A 135 30.18 -7.87 -3.56
C ALA A 135 29.89 -9.24 -4.12
N LYS A 136 30.67 -10.22 -3.67
CA LYS A 136 30.46 -11.62 -4.03
C LYS A 136 30.07 -12.41 -2.78
N ALA A 137 29.21 -13.40 -2.95
CA ALA A 137 28.73 -14.23 -1.85
C ALA A 137 29.11 -15.69 -2.05
N ILE A 138 29.06 -16.45 -0.96
CA ILE A 138 29.25 -17.90 -1.00
C ILE A 138 28.41 -18.59 0.08
N SER A 139 27.80 -19.71 -0.28
CA SER A 139 26.97 -20.48 0.66
C SER A 139 27.77 -21.68 1.15
N LEU A 140 27.83 -21.84 2.47
CA LEU A 140 28.55 -22.95 3.09
C LEU A 140 27.61 -23.92 3.81
N THR A 141 26.30 -23.67 3.79
CA THR A 141 25.35 -24.54 4.47
C THR A 141 24.75 -25.58 3.54
N LYS A 142 24.91 -26.84 3.95
CA LYS A 142 24.34 -27.97 3.24
C LYS A 142 22.83 -28.05 3.51
N GLY A 143 22.04 -28.06 2.45
CA GLY A 143 20.60 -28.17 2.59
C GLY A 143 19.84 -27.53 1.44
N PHE A 144 18.68 -26.97 1.75
CA PHE A 144 17.83 -26.34 0.74
C PHE A 144 16.79 -25.43 1.39
N ILE A 145 16.10 -24.67 0.56
CA ILE A 145 14.99 -23.82 0.98
C ILE A 145 13.75 -24.25 0.22
N VAL A 146 12.61 -24.33 0.92
CA VAL A 146 11.34 -24.71 0.30
C VAL A 146 10.58 -23.46 -0.15
N LYS A 147 10.22 -23.41 -1.43
CA LYS A 147 9.40 -22.34 -1.96
C LYS A 147 8.28 -22.92 -2.83
N LYS A 148 7.05 -22.86 -2.29
CA LYS A 148 5.86 -23.42 -2.96
C LYS A 148 6.02 -24.94 -3.17
N ASN A 149 6.36 -25.64 -2.08
CA ASN A 149 6.62 -27.09 -2.07
C ASN A 149 7.71 -27.57 -3.04
N GLN A 150 8.51 -26.64 -3.54
CA GLN A 150 9.60 -26.95 -4.45
C GLN A 150 10.93 -26.70 -3.75
N MET A 151 11.94 -27.45 -4.15
CA MET A 151 13.26 -27.41 -3.54
C MET A 151 14.13 -26.37 -4.25
N LYS A 152 14.53 -25.34 -3.51
CA LYS A 152 15.44 -24.33 -4.02
C LYS A 152 16.81 -24.42 -3.35
N LEU A 153 17.87 -24.48 -4.15
CA LEU A 153 19.23 -24.59 -3.63
C LEU A 153 19.71 -23.25 -3.09
N CYS A 154 20.51 -23.29 -2.02
CA CYS A 154 20.84 -22.10 -1.25
C CYS A 154 21.54 -21.00 -2.02
N SER A 155 22.60 -21.34 -2.74
CA SER A 155 23.36 -20.33 -3.49
C SER A 155 22.45 -19.61 -4.48
N ASN A 156 21.60 -20.37 -5.15
CA ASN A 156 20.62 -19.79 -6.07
C ASN A 156 19.65 -18.86 -5.35
N TYR A 157 19.14 -19.30 -4.20
CA TYR A 157 18.17 -18.51 -3.44
C TYR A 157 18.80 -17.23 -2.90
N ILE A 158 20.00 -17.34 -2.33
CA ILE A 158 20.73 -16.16 -1.86
C ILE A 158 20.96 -15.20 -3.02
N SER A 159 21.40 -15.76 -4.15
CA SER A 159 21.74 -14.97 -5.33
C SER A 159 20.53 -14.25 -5.95
N ASP A 160 19.34 -14.81 -5.78
CA ASP A 160 18.11 -14.20 -6.29
C ASP A 160 17.51 -13.22 -5.28
N PHE A 161 17.50 -13.59 -4.00
CA PHE A 161 16.89 -12.77 -2.95
C PHE A 161 17.65 -11.47 -2.79
N LEU A 162 18.95 -11.57 -2.55
CA LEU A 162 19.86 -10.46 -2.72
C LEU A 162 20.18 -10.47 -4.20
N ASN A 163 20.95 -9.52 -4.71
CA ASN A 163 21.20 -9.49 -6.15
C ASN A 163 22.68 -9.60 -6.48
N ILE A 164 23.35 -10.57 -5.86
CA ILE A 164 24.80 -10.77 -6.04
C ILE A 164 25.11 -12.20 -6.44
N PRO A 165 26.22 -12.40 -7.17
CA PRO A 165 26.63 -13.77 -7.48
C PRO A 165 26.88 -14.56 -6.20
N CYS A 166 26.46 -15.82 -6.18
CA CYS A 166 26.68 -16.65 -5.01
C CYS A 166 27.30 -18.00 -5.39
N SER A 167 28.51 -18.22 -4.91
CA SER A 167 29.17 -19.51 -5.08
C SER A 167 28.73 -20.47 -3.96
N ALA A 168 29.21 -21.71 -4.03
CA ALA A 168 28.83 -22.72 -3.05
C ALA A 168 30.05 -23.53 -2.62
N LEU A 169 30.19 -23.75 -1.32
CA LEU A 169 31.28 -24.55 -0.77
C LEU A 169 30.70 -25.75 -0.05
N SER A 170 31.15 -26.93 -0.42
CA SER A 170 30.76 -28.17 0.26
C SER A 170 31.94 -29.14 0.17
N GLY A 171 32.10 -29.98 1.17
CA GLY A 171 33.19 -30.95 1.16
C GLY A 171 33.01 -32.03 2.20
N ALA A 172 33.89 -33.04 2.16
CA ALA A 172 33.95 -34.07 3.18
C ALA A 172 34.48 -33.45 4.46
N ASN A 173 33.63 -32.67 5.11
CA ASN A 173 34.01 -31.81 6.23
C ASN A 173 33.20 -32.12 7.48
N ILE A 174 33.91 -32.28 8.59
CA ILE A 174 33.31 -32.40 9.90
C ILE A 174 33.92 -31.28 10.72
N ALA A 175 33.08 -30.37 11.20
CA ALA A 175 33.53 -29.15 11.86
C ALA A 175 34.77 -29.33 12.72
N MET A 176 34.76 -30.33 13.59
CA MET A 176 35.85 -30.51 14.54
C MET A 176 37.16 -30.98 13.88
N ASP A 177 37.06 -31.88 12.90
CA ASP A 177 38.24 -32.35 12.16
C ASP A 177 38.97 -31.19 11.50
N VAL A 178 38.21 -30.28 10.89
CA VAL A 178 38.77 -29.08 10.26
C VAL A 178 39.33 -28.14 11.32
N ALA A 179 38.53 -27.88 12.34
CA ALA A 179 38.93 -27.03 13.47
C ALA A 179 40.21 -27.53 14.15
N MET A 180 40.37 -28.86 14.21
CA MET A 180 41.55 -29.49 14.81
C MET A 180 42.71 -29.67 13.81
N GLU A 181 42.60 -29.02 12.66
CA GLU A 181 43.67 -28.99 11.65
C GLU A 181 44.04 -30.35 11.06
N ASN A 182 43.05 -31.25 11.00
CA ASN A 182 43.20 -32.52 10.31
C ASN A 182 42.95 -32.34 8.82
N PHE A 183 43.68 -33.10 8.00
CA PHE A 183 43.60 -32.99 6.55
C PHE A 183 42.17 -33.17 6.06
N SER A 184 41.62 -32.11 5.47
CA SER A 184 40.31 -32.13 4.87
C SER A 184 40.37 -31.46 3.52
N GLU A 185 39.37 -31.72 2.69
CA GLU A 185 39.22 -31.07 1.40
C GLU A 185 37.83 -30.46 1.30
N ALA A 186 37.68 -29.54 0.34
CA ALA A 186 36.37 -28.99 0.03
C ALA A 186 36.29 -28.59 -1.43
N THR A 187 35.07 -28.51 -1.93
CA THR A 187 34.81 -28.19 -3.32
C THR A 187 34.07 -26.87 -3.38
N ILE A 188 34.62 -25.90 -4.10
CA ILE A 188 33.90 -24.64 -4.33
C ILE A 188 33.32 -24.66 -5.75
N GLY A 189 32.00 -24.54 -5.83
CA GLY A 189 31.29 -24.43 -7.09
C GLY A 189 30.90 -22.99 -7.32
N GLY A 190 31.02 -22.54 -8.57
CA GLY A 190 30.72 -21.14 -8.90
C GLY A 190 30.66 -20.87 -10.39
N ASN A 191 29.60 -20.18 -10.79
CA ASN A 191 29.38 -19.82 -12.19
C ASN A 191 30.21 -18.59 -12.60
N ASP A 192 30.74 -17.87 -11.61
CA ASP A 192 31.55 -16.67 -11.83
C ASP A 192 33.04 -17.03 -11.63
N LYS A 193 33.81 -17.00 -12.72
CA LYS A 193 35.23 -17.42 -12.70
C LYS A 193 36.12 -16.50 -11.88
N ASP A 194 35.82 -15.21 -11.90
CA ASP A 194 36.59 -14.21 -11.14
C ASP A 194 36.34 -14.32 -9.63
N SER A 195 35.19 -14.87 -9.25
CA SER A 195 34.90 -15.15 -7.84
C SER A 195 35.70 -16.36 -7.34
N LEU A 196 35.75 -17.42 -8.16
CA LEU A 196 36.39 -18.68 -7.78
C LEU A 196 37.85 -18.51 -7.39
N VAL A 197 38.60 -17.75 -8.17
CA VAL A 197 40.03 -17.52 -7.88
C VAL A 197 40.22 -16.93 -6.48
N ILE A 198 39.32 -16.03 -6.08
CA ILE A 198 39.41 -15.39 -4.77
C ILE A 198 38.90 -16.28 -3.65
N TRP A 199 37.71 -16.86 -3.83
CA TRP A 199 37.14 -17.77 -2.82
C TRP A 199 38.13 -18.89 -2.48
N GLN A 200 38.84 -19.39 -3.48
CA GLN A 200 39.83 -20.43 -3.26
C GLN A 200 40.91 -19.96 -2.28
N ARG A 201 41.30 -18.69 -2.38
CA ARG A 201 42.32 -18.11 -1.50
C ARG A 201 41.80 -17.83 -0.10
N VAL A 202 40.53 -17.49 0.00
CA VAL A 202 39.89 -17.25 1.30
C VAL A 202 39.93 -18.53 2.15
N PHE A 203 39.77 -19.68 1.50
CA PHE A 203 39.56 -20.95 2.21
C PHE A 203 40.74 -21.91 2.20
N ASP A 204 41.54 -21.91 1.14
CA ASP A 204 42.59 -22.92 1.04
C ASP A 204 43.64 -22.76 2.14
N LEU A 205 43.84 -23.86 2.88
CA LEU A 205 44.95 -24.01 3.82
C LEU A 205 45.50 -25.42 3.65
N PRO A 206 46.70 -25.69 4.19
CA PRO A 206 47.25 -27.04 4.08
C PRO A 206 46.32 -28.14 4.61
N TYR A 207 45.56 -27.85 5.66
CA TYR A 207 44.61 -28.84 6.21
C TYR A 207 43.20 -28.73 5.63
N PHE A 208 43.02 -27.85 4.65
CA PHE A 208 41.70 -27.60 4.06
C PHE A 208 41.89 -27.25 2.57
N LYS A 209 42.09 -28.28 1.75
CA LYS A 209 42.42 -28.11 0.34
C LYS A 209 41.19 -27.90 -0.54
N ILE A 210 41.27 -26.92 -1.45
CA ILE A 210 40.11 -26.47 -2.23
C ILE A 210 40.26 -26.78 -3.72
N ASN A 211 39.29 -27.49 -4.28
CA ASN A 211 39.13 -27.62 -5.74
C ASN A 211 37.95 -26.78 -6.21
N CYS A 212 38.05 -26.24 -7.42
CA CYS A 212 36.97 -25.44 -7.99
C CYS A 212 36.27 -26.13 -9.13
N VAL A 213 34.98 -25.86 -9.24
CA VAL A 213 34.18 -26.32 -10.37
C VAL A 213 33.28 -25.16 -10.83
N ASN A 214 32.86 -25.21 -12.08
CA ASN A 214 32.22 -24.06 -12.71
C ASN A 214 30.70 -24.02 -12.55
N GLU A 215 30.15 -24.91 -11.74
CA GLU A 215 28.72 -24.96 -11.49
C GLU A 215 28.43 -25.25 -10.02
N THR A 216 27.31 -24.70 -9.53
CA THR A 216 26.87 -24.87 -8.14
C THR A 216 25.84 -25.99 -7.95
N ILE A 217 25.07 -26.29 -8.99
CA ILE A 217 23.96 -27.24 -8.90
C ILE A 217 24.36 -28.59 -8.27
N GLU A 218 25.38 -29.23 -8.85
CA GLU A 218 25.80 -30.56 -8.40
C GLU A 218 26.36 -30.52 -6.98
N VAL A 219 27.23 -29.55 -6.72
CA VAL A 219 27.82 -29.35 -5.39
C VAL A 219 26.75 -29.27 -4.31
N GLU A 220 25.69 -28.51 -4.57
CA GLU A 220 24.63 -28.27 -3.58
C GLU A 220 23.60 -29.40 -3.47
N ILE A 221 23.33 -30.10 -4.58
CA ILE A 221 22.47 -31.27 -4.55
C ILE A 221 23.11 -32.38 -3.72
N CYS A 222 24.42 -32.55 -3.86
CA CYS A 222 25.16 -33.52 -3.06
C CYS A 222 25.01 -33.26 -1.57
N GLY A 223 25.31 -32.02 -1.17
CA GLY A 223 25.22 -31.62 0.22
C GLY A 223 23.83 -31.78 0.80
N ALA A 224 22.82 -31.58 -0.04
CA ALA A 224 21.43 -31.74 0.37
C ALA A 224 21.02 -33.21 0.41
N LEU A 225 21.11 -33.89 -0.73
CA LEU A 225 20.56 -35.25 -0.85
C LEU A 225 21.43 -36.36 -0.24
N LYS A 226 22.68 -36.08 0.12
CA LYS A 226 23.52 -37.07 0.80
C LYS A 226 22.84 -37.61 2.07
N ASN A 227 22.00 -36.77 2.67
CA ASN A 227 21.29 -37.12 3.91
C ASN A 227 20.27 -38.24 3.70
N ILE A 228 19.68 -38.31 2.51
CA ILE A 228 18.80 -39.42 2.15
C ILE A 228 19.63 -40.72 2.08
N ILE A 229 20.82 -40.62 1.50
CA ILE A 229 21.75 -41.75 1.40
C ILE A 229 22.23 -42.20 2.78
N THR A 230 22.49 -41.24 3.66
CA THR A 230 22.85 -41.52 5.05
C THR A 230 21.69 -42.21 5.78
N LEU A 231 20.47 -41.74 5.52
CA LEU A 231 19.26 -42.32 6.08
C LEU A 231 19.11 -43.77 5.64
N ALA A 232 19.39 -44.02 4.37
CA ALA A 232 19.34 -45.37 3.81
C ALA A 232 20.41 -46.26 4.44
N CYS A 233 21.60 -45.72 4.65
CA CYS A 233 22.67 -46.47 5.30
C CYS A 233 22.25 -46.90 6.71
N GLY A 234 21.65 -45.97 7.45
CA GLY A 234 21.10 -46.27 8.77
C GLY A 234 20.12 -47.41 8.71
N PHE A 235 19.17 -47.32 7.78
CA PHE A 235 18.20 -48.40 7.56
C PHE A 235 18.88 -49.75 7.34
N CYS A 236 19.99 -49.76 6.61
CA CYS A 236 20.76 -50.99 6.38
C CYS A 236 21.40 -51.50 7.65
N ASP A 237 22.02 -50.60 8.40
CA ASP A 237 22.61 -50.94 9.68
C ASP A 237 21.57 -51.53 10.62
N GLY A 238 20.45 -50.83 10.75
CA GLY A 238 19.35 -51.25 11.60
C GLY A 238 18.77 -52.61 11.23
N LEU A 239 18.70 -52.89 9.94
CA LEU A 239 18.21 -54.18 9.44
C LEU A 239 19.27 -55.27 9.45
N ASN A 240 20.49 -54.93 9.91
CA ASN A 240 21.58 -55.90 9.99
C ASN A 240 22.02 -56.46 8.63
N LEU A 241 21.94 -55.63 7.59
CA LEU A 241 22.25 -56.08 6.24
C LEU A 241 23.75 -56.15 6.03
N PRO A 242 24.22 -57.14 5.25
CA PRO A 242 25.64 -57.24 4.93
C PRO A 242 26.11 -56.11 4.02
N THR A 243 27.42 -55.92 3.95
CA THR A 243 28.03 -54.80 3.24
C THR A 243 27.72 -54.82 1.74
N ASN A 244 27.76 -56.00 1.13
CA ASN A 244 27.28 -56.19 -0.23
C ASN A 244 25.98 -55.45 -0.48
N SER A 245 25.03 -55.68 0.42
CA SER A 245 23.68 -55.10 0.30
C SER A 245 23.65 -53.61 0.60
N LYS A 246 24.39 -53.17 1.62
CA LYS A 246 24.43 -51.75 1.95
C LYS A 246 25.08 -50.95 0.84
N SER A 247 26.17 -51.48 0.28
CA SER A 247 26.87 -50.83 -0.84
C SER A 247 25.98 -50.73 -2.07
N ALA A 248 25.17 -51.75 -2.30
CA ALA A 248 24.20 -51.72 -3.40
C ALA A 248 23.20 -50.59 -3.20
N ILE A 249 22.65 -50.50 -1.99
CA ILE A 249 21.69 -49.44 -1.65
C ILE A 249 22.32 -48.06 -1.82
N ILE A 250 23.55 -47.90 -1.34
CA ILE A 250 24.27 -46.62 -1.48
C ILE A 250 24.42 -46.24 -2.93
N ARG A 251 24.86 -47.20 -3.74
CA ARG A 251 25.04 -47.00 -5.18
C ARG A 251 23.75 -46.49 -5.82
N ASN A 252 22.65 -47.17 -5.52
CA ASN A 252 21.35 -46.80 -6.07
C ASN A 252 20.92 -45.40 -5.60
N GLY A 253 21.18 -45.10 -4.34
CA GLY A 253 20.93 -43.77 -3.80
C GLY A 253 21.71 -42.69 -4.52
N ILE A 254 22.95 -42.98 -4.86
CA ILE A 254 23.80 -42.04 -5.60
C ILE A 254 23.25 -41.80 -7.00
N ASN A 255 22.86 -42.87 -7.67
CA ASN A 255 22.32 -42.78 -9.03
C ASN A 255 20.97 -42.05 -9.08
N GLU A 256 20.14 -42.29 -8.06
CA GLU A 256 18.87 -41.58 -7.97
C GLU A 256 19.08 -40.11 -7.60
N MET A 257 20.14 -39.83 -6.85
CA MET A 257 20.55 -38.45 -6.57
C MET A 257 20.93 -37.72 -7.86
N ILE A 258 21.68 -38.41 -8.70
CA ILE A 258 22.09 -37.89 -9.99
C ILE A 258 20.88 -37.62 -10.87
N LEU A 259 19.95 -38.58 -10.91
CA LEU A 259 18.74 -38.47 -11.72
C LEU A 259 17.86 -37.32 -11.25
N PHE A 260 17.71 -37.18 -9.94
CA PHE A 260 16.97 -36.07 -9.36
C PHE A 260 17.51 -34.73 -9.82
N GLY A 261 18.83 -34.60 -9.88
CA GLY A 261 19.47 -33.40 -10.37
C GLY A 261 19.16 -33.17 -11.84
N LYS A 262 19.34 -34.21 -12.64
CA LYS A 262 19.10 -34.14 -14.08
C LYS A 262 17.66 -33.76 -14.40
N VAL A 263 16.71 -34.45 -13.78
CA VAL A 263 15.28 -34.23 -14.03
C VAL A 263 14.82 -32.84 -13.56
N PHE A 264 15.05 -32.54 -12.30
CA PHE A 264 14.48 -31.36 -11.65
C PHE A 264 15.33 -30.09 -11.72
N PHE A 265 16.63 -30.23 -11.94
CA PHE A 265 17.53 -29.07 -12.08
C PHE A 265 18.26 -29.05 -13.44
N GLN A 266 17.66 -29.74 -14.41
CA GLN A 266 18.07 -29.65 -15.82
C GLN A 266 19.43 -30.27 -16.15
N LYS A 267 20.25 -30.58 -15.15
CA LYS A 267 21.59 -31.11 -15.40
C LYS A 267 22.20 -31.76 -14.16
N PHE A 268 23.06 -32.76 -14.38
CA PHE A 268 23.93 -33.25 -13.31
C PHE A 268 25.20 -33.88 -13.89
N ASN A 269 26.31 -33.17 -13.74
CA ASN A 269 27.62 -33.68 -14.10
C ASN A 269 28.06 -34.75 -13.12
N GLU A 270 28.15 -35.99 -13.59
CA GLU A 270 28.50 -37.12 -12.73
C GLU A 270 29.92 -37.00 -12.17
N ASN A 271 30.81 -36.36 -12.92
CA ASN A 271 32.19 -36.15 -12.47
C ASN A 271 32.30 -35.42 -11.14
N ILE A 272 31.27 -34.66 -10.77
CA ILE A 272 31.26 -33.96 -9.49
C ILE A 272 31.24 -34.94 -8.31
N LEU A 273 30.80 -36.17 -8.54
CA LEU A 273 30.95 -37.22 -7.53
C LEU A 273 32.41 -37.55 -7.21
N LEU A 274 33.31 -37.27 -8.16
CA LEU A 274 34.74 -37.45 -7.95
C LEU A 274 35.35 -36.32 -7.12
N GLU A 275 34.58 -35.26 -6.90
CA GLU A 275 35.00 -34.15 -6.06
C GLU A 275 34.66 -34.41 -4.59
N SER A 276 35.21 -33.59 -3.69
CA SER A 276 35.07 -33.80 -2.23
C SER A 276 33.62 -33.71 -1.75
N CYS A 277 32.84 -32.86 -2.40
CA CYS A 277 31.44 -32.66 -2.04
C CYS A 277 30.57 -33.85 -2.43
N GLY A 278 31.08 -34.71 -3.31
CA GLY A 278 30.33 -35.85 -3.79
C GLY A 278 30.60 -37.11 -3.00
N PHE A 279 31.19 -38.09 -3.67
CA PHE A 279 31.44 -39.40 -3.09
C PHE A 279 32.09 -39.36 -1.70
N ALA A 280 33.11 -38.54 -1.54
CA ALA A 280 33.84 -38.45 -0.27
C ALA A 280 32.95 -38.01 0.87
N ASP A 281 32.15 -36.97 0.64
CA ASP A 281 31.25 -36.45 1.67
C ASP A 281 30.13 -37.43 1.99
N ILE A 282 29.75 -38.26 1.02
CA ILE A 282 28.75 -39.29 1.25
C ILE A 282 29.28 -40.35 2.22
N ILE A 283 30.49 -40.86 1.99
CA ILE A 283 31.08 -41.87 2.88
C ILE A 283 31.47 -41.30 4.24
N THR A 284 31.89 -40.04 4.29
CA THR A 284 32.14 -39.35 5.56
C THR A 284 30.85 -39.19 6.34
N SER A 285 29.75 -38.94 5.64
CA SER A 285 28.46 -38.68 6.27
C SER A 285 27.80 -39.89 6.91
N PHE A 286 27.97 -41.07 6.31
CA PHE A 286 27.39 -42.28 6.91
C PHE A 286 28.34 -42.96 7.90
N LEU A 287 29.64 -42.70 7.78
CA LEU A 287 30.64 -43.24 8.72
C LEU A 287 30.88 -42.31 9.92
N ALA A 288 30.07 -41.26 10.05
CA ALA A 288 30.24 -40.28 11.13
C ALA A 288 28.91 -39.64 11.53
N GLY A 289 28.95 -38.85 12.60
CA GLY A 289 27.75 -38.23 13.17
C GLY A 289 26.91 -39.23 13.97
N ARG A 290 25.66 -38.85 14.23
CA ARG A 290 24.67 -39.75 14.85
C ARG A 290 23.48 -39.98 13.92
N ASN A 291 23.57 -39.50 12.67
CA ASN A 291 22.41 -39.39 11.78
C ASN A 291 22.03 -40.71 11.13
N ALA A 292 23.04 -41.54 10.86
CA ALA A 292 22.80 -42.90 10.39
C ALA A 292 22.26 -43.74 11.54
N LYS A 293 22.87 -43.58 12.71
CA LYS A 293 22.43 -44.27 13.94
C LYS A 293 20.96 -43.97 14.24
N CYS A 294 20.54 -42.73 13.94
CA CYS A 294 19.18 -42.29 14.17
C CYS A 294 18.18 -43.00 13.26
N SER A 295 18.52 -43.08 11.98
CA SER A 295 17.70 -43.80 11.01
C SER A 295 17.73 -45.31 11.28
N ALA A 296 18.87 -45.80 11.76
CA ALA A 296 19.03 -47.20 12.11
C ALA A 296 18.11 -47.58 13.26
N GLU A 297 18.06 -46.74 14.28
CA GLU A 297 17.22 -46.97 15.45
C GLU A 297 15.73 -46.83 15.11
N PHE A 298 15.40 -45.95 14.16
CA PHE A 298 14.03 -45.82 13.67
C PHE A 298 13.50 -47.11 13.06
N ILE A 299 14.30 -47.74 12.20
CA ILE A 299 13.86 -48.92 11.46
C ILE A 299 13.75 -50.17 12.36
N LYS A 300 14.57 -50.20 13.41
CA LYS A 300 14.49 -51.25 14.42
C LYS A 300 13.20 -51.14 15.25
N SER A 301 12.81 -49.91 15.59
CA SER A 301 11.56 -49.67 16.32
C SER A 301 10.31 -49.79 15.43
N THR A 302 10.49 -49.69 14.11
CA THR A 302 9.42 -49.86 13.08
C THR A 302 8.33 -48.75 13.15
N PRO A 303 7.12 -49.01 13.76
CA PRO A 303 6.26 -47.85 14.13
C PRO A 303 6.24 -47.50 15.62
N LYS A 304 6.95 -48.26 16.47
CA LYS A 304 6.90 -48.08 17.92
C LYS A 304 7.44 -46.71 18.37
N LYS A 305 8.34 -46.13 17.58
CA LYS A 305 8.89 -44.80 17.85
C LYS A 305 8.78 -43.91 16.62
N THR A 306 8.44 -42.64 16.85
CA THR A 306 8.40 -41.64 15.79
C THR A 306 9.79 -41.04 15.63
N TRP A 307 10.00 -40.32 14.52
CA TRP A 307 11.27 -39.65 14.25
C TRP A 307 11.58 -38.60 15.32
N GLU A 308 10.55 -37.84 15.69
CA GLU A 308 10.67 -36.77 16.69
C GLU A 308 11.23 -37.31 18.01
N GLU A 309 10.74 -38.48 18.43
CA GLU A 309 11.23 -39.11 19.65
C GLU A 309 12.71 -39.48 19.56
N LEU A 310 13.12 -40.00 18.40
CA LEU A 310 14.50 -40.43 18.18
C LEU A 310 15.44 -39.25 17.96
N GLU A 311 14.91 -38.13 17.48
CA GLU A 311 15.69 -36.91 17.32
C GLU A 311 16.15 -36.39 18.69
N ASN A 312 15.22 -36.34 19.64
CA ASN A 312 15.55 -35.98 21.02
C ASN A 312 16.50 -37.01 21.62
N GLU A 313 16.06 -38.27 21.58
CA GLU A 313 16.78 -39.39 22.21
C GLU A 313 18.21 -39.59 21.69
N ILE A 314 18.42 -39.38 20.39
CA ILE A 314 19.70 -39.68 19.73
C ILE A 314 20.52 -38.43 19.40
N LEU A 315 19.89 -37.45 18.74
CA LEU A 315 20.60 -36.27 18.24
C LEU A 315 20.61 -35.09 19.21
N LYS A 316 20.33 -35.35 20.49
CA LYS A 316 20.33 -34.33 21.54
C LYS A 316 19.38 -33.16 21.24
N GLY A 317 18.23 -33.49 20.66
CA GLY A 317 17.19 -32.49 20.34
C GLY A 317 17.18 -31.98 18.90
N GLN A 318 18.24 -32.28 18.15
CA GLN A 318 18.41 -31.78 16.78
C GLN A 318 17.51 -32.50 15.78
N LYS A 319 17.02 -31.76 14.79
CA LYS A 319 16.20 -32.32 13.70
C LYS A 319 17.05 -33.10 12.71
N LEU A 320 16.53 -34.22 12.22
CA LEU A 320 17.25 -35.04 11.24
C LEU A 320 17.05 -34.45 9.84
N GLN A 321 18.16 -34.02 9.25
CA GLN A 321 18.16 -33.41 7.92
C GLN A 321 17.68 -34.39 6.84
N GLY A 322 17.98 -35.67 7.01
CA GLY A 322 17.66 -36.68 6.01
C GLY A 322 16.19 -36.90 5.77
N THR A 323 15.42 -36.99 6.86
CA THR A 323 13.99 -37.20 6.75
C THR A 323 13.32 -36.07 6.01
N VAL A 324 13.74 -34.84 6.32
CA VAL A 324 13.15 -33.65 5.70
C VAL A 324 13.44 -33.62 4.21
N THR A 325 14.72 -33.80 3.86
CA THR A 325 15.13 -33.80 2.45
C THR A 325 14.34 -34.83 1.65
N LEU A 326 14.15 -36.02 2.22
CA LEU A 326 13.39 -37.08 1.56
C LEU A 326 11.94 -36.70 1.28
N LYS A 327 11.32 -36.03 2.24
CA LYS A 327 9.91 -35.61 2.13
C LYS A 327 9.68 -34.74 0.90
N TYR A 328 10.55 -33.73 0.72
CA TYR A 328 10.44 -32.79 -0.39
C TYR A 328 10.96 -33.35 -1.71
N VAL A 329 12.00 -34.19 -1.64
CA VAL A 329 12.51 -34.87 -2.82
C VAL A 329 11.44 -35.78 -3.40
N TYR A 330 10.82 -36.59 -2.53
CA TYR A 330 9.77 -37.50 -2.95
C TYR A 330 8.56 -36.76 -3.50
N HIS A 331 8.19 -35.65 -2.86
CA HIS A 331 7.04 -34.84 -3.29
C HIS A 331 7.21 -34.37 -4.73
N MET A 332 8.40 -33.90 -5.07
CA MET A 332 8.70 -33.46 -6.43
C MET A 332 8.66 -34.63 -7.41
N ILE A 333 9.15 -35.79 -6.96
CA ILE A 333 9.11 -37.01 -7.76
C ILE A 333 7.66 -37.44 -7.98
N LYS A 334 6.87 -37.41 -6.92
CA LYS A 334 5.49 -37.86 -6.98
C LYS A 334 4.63 -37.00 -7.90
N GLU A 335 4.78 -35.68 -7.81
CA GLU A 335 3.97 -34.77 -8.63
C GLU A 335 4.28 -34.88 -10.13
N LYS A 336 5.50 -35.29 -10.48
CA LYS A 336 5.85 -35.55 -11.88
C LYS A 336 5.56 -37.01 -12.27
N ASN A 337 5.02 -37.79 -11.34
CA ASN A 337 4.67 -39.22 -11.55
C ASN A 337 5.86 -40.06 -12.03
N MET A 338 6.98 -39.95 -11.30
CA MET A 338 8.20 -40.64 -11.66
C MET A 338 8.69 -41.60 -10.59
N THR A 339 7.81 -41.97 -9.67
CA THR A 339 8.16 -42.87 -8.57
C THR A 339 8.75 -44.20 -9.05
N ASN A 340 8.35 -44.63 -10.26
CA ASN A 340 8.91 -45.84 -10.87
C ASN A 340 10.40 -45.72 -11.19
N GLU A 341 10.85 -44.51 -11.51
CA GLU A 341 12.24 -44.25 -11.86
C GLU A 341 13.11 -43.95 -10.63
N PHE A 342 12.47 -43.77 -9.47
CA PHE A 342 13.16 -43.57 -8.20
C PHE A 342 12.71 -44.60 -7.17
N PRO A 343 12.98 -45.90 -7.44
CA PRO A 343 12.49 -46.96 -6.55
C PRO A 343 12.96 -46.84 -5.10
N LEU A 344 14.24 -46.50 -4.91
CA LEU A 344 14.82 -46.38 -3.56
C LEU A 344 14.20 -45.23 -2.78
N PHE A 345 14.28 -44.03 -3.34
CA PHE A 345 13.70 -42.85 -2.70
C PHE A 345 12.23 -43.07 -2.38
N THR A 346 11.53 -43.78 -3.26
CA THR A 346 10.11 -44.08 -3.07
C THR A 346 9.90 -44.98 -1.85
N VAL A 347 10.58 -46.12 -1.80
CA VAL A 347 10.41 -47.06 -0.68
C VAL A 347 10.93 -46.47 0.62
N LEU A 348 12.00 -45.68 0.55
CA LEU A 348 12.54 -45.00 1.73
C LEU A 348 11.50 -44.05 2.31
N HIS A 349 10.74 -43.39 1.43
CA HIS A 349 9.66 -42.49 1.86
C HIS A 349 8.52 -43.28 2.47
N LYS A 350 8.16 -44.37 1.81
CA LYS A 350 7.13 -45.28 2.31
C LYS A 350 7.46 -45.78 3.71
N ILE A 351 8.68 -46.25 3.90
CA ILE A 351 9.12 -46.78 5.20
C ILE A 351 9.17 -45.69 6.27
N SER A 352 9.67 -44.52 5.90
CA SER A 352 9.86 -43.41 6.85
C SER A 352 8.54 -42.77 7.31
N PHE A 353 7.60 -42.58 6.38
CA PHE A 353 6.41 -41.78 6.64
C PHE A 353 5.06 -42.48 6.42
N GLU A 354 5.05 -43.59 5.69
CA GLU A 354 3.80 -44.26 5.35
C GLU A 354 3.72 -45.67 5.96
N ASN A 355 4.47 -45.89 7.04
CA ASN A 355 4.41 -47.13 7.82
C ASN A 355 4.60 -48.42 7.00
N GLU A 356 5.48 -48.37 6.00
CA GLU A 356 5.78 -49.53 5.18
C GLU A 356 6.77 -50.42 5.92
N ASP A 357 6.61 -51.72 5.75
CA ASP A 357 7.49 -52.69 6.39
C ASP A 357 8.90 -52.54 5.86
N PRO A 358 9.89 -52.35 6.74
CA PRO A 358 11.32 -52.27 6.38
C PRO A 358 11.82 -53.35 5.41
N SER A 359 11.19 -54.52 5.44
CA SER A 359 11.50 -55.60 4.50
C SER A 359 11.30 -55.18 3.04
N SER A 360 10.42 -54.21 2.81
CA SER A 360 10.18 -53.65 1.47
C SER A 360 11.42 -53.02 0.83
N LEU A 361 12.34 -52.56 1.65
CA LEU A 361 13.59 -52.00 1.16
C LEU A 361 14.32 -52.98 0.24
N LEU A 362 14.59 -54.18 0.73
CA LEU A 362 15.26 -55.20 -0.07
C LEU A 362 14.36 -55.77 -1.17
N LYS A 363 13.06 -55.89 -0.90
CA LYS A 363 12.11 -56.41 -1.90
C LYS A 363 12.05 -55.52 -3.15
N THR A 364 12.33 -54.23 -2.97
CA THR A 364 12.37 -53.28 -4.07
C THR A 364 13.39 -53.69 -5.13
N PHE A 365 14.53 -54.20 -4.67
CA PHE A 365 15.64 -54.56 -5.56
C PHE A 365 15.82 -56.05 -5.80
N MET A 366 15.34 -56.87 -4.87
CA MET A 366 15.41 -58.32 -5.02
C MET A 366 14.21 -58.81 -5.83
N ASN A 367 14.38 -58.78 -7.15
CA ASN A 367 13.34 -59.18 -8.09
C ASN A 367 13.95 -59.78 -9.34
N ASN A 368 13.10 -60.24 -10.24
CA ASN A 368 13.55 -60.82 -11.51
C ASN A 368 13.48 -59.82 -12.67
N LYS A 369 13.41 -58.52 -12.35
CA LYS A 369 13.47 -57.47 -13.37
C LYS A 369 14.86 -57.46 -13.97
N ILE A 370 14.94 -57.52 -15.30
CA ILE A 370 16.23 -57.58 -15.98
C ILE A 370 16.54 -56.25 -16.69
N ASN A 371 17.68 -55.66 -16.31
CA ASN A 371 18.08 -54.33 -16.74
C ASN A 371 18.61 -54.31 -18.18
N GLN A 372 18.25 -53.28 -18.94
CA GLN A 372 18.79 -53.03 -20.28
C GLN A 372 19.52 -51.69 -20.33
N TYR B 10 -11.33 -28.52 10.93
CA TYR B 10 -12.07 -27.25 10.63
C TYR B 10 -11.78 -26.75 9.23
N ARG B 11 -12.83 -26.61 8.42
CA ARG B 11 -12.69 -26.12 7.05
C ARG B 11 -13.13 -24.67 6.90
N ASN B 12 -13.75 -24.11 7.93
CA ASN B 12 -14.15 -22.70 7.92
C ASN B 12 -14.35 -22.17 9.34
N LEU B 13 -14.63 -20.88 9.47
CA LEU B 13 -14.80 -20.26 10.78
C LEU B 13 -16.01 -20.78 11.56
N PHE B 14 -17.06 -21.17 10.85
CA PHE B 14 -18.25 -21.76 11.48
C PHE B 14 -17.99 -23.14 12.05
N ASP B 15 -17.16 -23.91 11.36
CA ASP B 15 -16.70 -25.21 11.88
C ASP B 15 -16.00 -25.02 13.21
N LYS B 16 -15.13 -24.01 13.28
CA LYS B 16 -14.38 -23.71 14.50
C LYS B 16 -15.27 -23.11 15.58
N LEU B 17 -16.26 -22.31 15.16
CA LEU B 17 -17.22 -21.70 16.09
C LEU B 17 -18.11 -22.75 16.77
N LYS B 18 -18.24 -23.92 16.16
CA LYS B 18 -19.00 -25.01 16.75
C LYS B 18 -18.40 -25.42 18.09
N ASP B 19 -17.08 -25.56 18.12
CA ASP B 19 -16.37 -26.03 19.31
C ASP B 19 -16.12 -24.94 20.35
N GLY B 20 -16.18 -23.68 19.93
CA GLY B 20 -15.99 -22.57 20.87
C GLY B 20 -15.65 -21.25 20.20
N PRO B 21 -15.43 -20.21 21.01
CA PRO B 21 -15.20 -18.87 20.48
C PRO B 21 -13.84 -18.75 19.75
N LEU B 22 -13.79 -17.82 18.80
CA LEU B 22 -12.61 -17.62 17.95
C LEU B 22 -11.50 -16.88 18.68
N LYS B 23 -10.26 -17.35 18.52
CA LYS B 23 -9.10 -16.74 19.14
C LYS B 23 -8.49 -15.66 18.24
N ILE B 24 -8.42 -14.43 18.75
CA ILE B 24 -7.86 -13.31 18.01
C ILE B 24 -6.41 -13.05 18.44
N SER B 25 -5.54 -12.81 17.46
CA SER B 25 -4.15 -12.49 17.74
C SER B 25 -3.67 -11.31 16.89
N ILE B 26 -2.94 -10.40 17.53
CA ILE B 26 -2.43 -9.21 16.86
C ILE B 26 -0.92 -9.30 16.72
N LEU B 27 -0.40 -8.96 15.55
CA LEU B 27 1.04 -8.92 15.30
C LEU B 27 1.44 -7.48 15.04
N GLY B 28 2.38 -6.97 15.84
CA GLY B 28 2.88 -5.59 15.66
C GLY B 28 2.80 -4.77 16.95
N SER B 29 3.54 -3.67 17.03
CA SER B 29 3.62 -2.92 18.31
C SER B 29 3.71 -1.39 18.19
N GLY B 30 3.34 -0.82 17.05
CA GLY B 30 3.37 0.64 16.87
C GLY B 30 2.24 1.37 17.60
N ASN B 31 2.12 2.68 17.37
CA ASN B 31 0.99 3.45 17.91
C ASN B 31 -0.35 2.96 17.36
N TRP B 32 -0.39 2.64 16.06
CA TRP B 32 -1.60 2.15 15.41
C TRP B 32 -1.96 0.74 15.90
N ALA B 33 -0.96 -0.12 16.03
CA ALA B 33 -1.15 -1.47 16.57
C ALA B 33 -1.72 -1.42 18.00
N SER B 34 -1.18 -0.51 18.81
CA SER B 34 -1.63 -0.35 20.20
C SER B 34 -3.06 0.19 20.25
N ALA B 35 -3.34 1.17 19.40
CA ALA B 35 -4.68 1.75 19.29
C ALA B 35 -5.71 0.70 18.85
N ILE B 36 -5.28 -0.16 17.94
CA ILE B 36 -6.15 -1.23 17.45
C ILE B 36 -6.37 -2.30 18.51
N SER B 37 -5.34 -2.59 19.31
CA SER B 37 -5.49 -3.53 20.42
C SER B 37 -6.63 -3.09 21.35
N LYS B 38 -6.79 -1.79 21.51
CA LYS B 38 -7.88 -1.24 22.31
C LYS B 38 -9.22 -1.60 21.68
N VAL B 39 -9.34 -1.39 20.38
CA VAL B 39 -10.57 -1.69 19.65
C VAL B 39 -10.87 -3.19 19.69
N VAL B 40 -9.87 -3.98 19.33
CA VAL B 40 -9.99 -5.43 19.26
C VAL B 40 -10.26 -6.02 20.64
N GLY B 41 -9.49 -5.57 21.63
CA GLY B 41 -9.66 -6.02 23.02
C GLY B 41 -11.06 -5.74 23.58
N THR B 42 -11.62 -4.60 23.21
CA THR B 42 -12.99 -4.25 23.60
C THR B 42 -14.01 -5.26 23.05
N ASN B 43 -14.00 -5.46 21.73
CA ASN B 43 -14.94 -6.39 21.09
C ASN B 43 -14.70 -7.85 21.49
N ALA B 44 -13.43 -8.24 21.68
CA ALA B 44 -13.12 -9.59 22.14
C ALA B 44 -13.82 -9.88 23.47
N LYS B 45 -13.81 -8.87 24.34
CA LYS B 45 -14.45 -8.97 25.65
C LYS B 45 -15.97 -8.96 25.51
N ASN B 46 -16.49 -7.95 24.82
CA ASN B 46 -17.94 -7.73 24.68
C ASN B 46 -18.68 -8.75 23.81
N ASN B 47 -17.99 -9.37 22.86
CA ASN B 47 -18.63 -10.30 21.92
C ASN B 47 -18.44 -11.76 22.34
N TYR B 48 -19.55 -12.48 22.32
CA TYR B 48 -19.62 -13.89 22.71
C TYR B 48 -18.90 -14.81 21.72
N LEU B 49 -18.80 -14.38 20.47
CA LEU B 49 -18.13 -15.16 19.43
C LEU B 49 -16.62 -15.22 19.61
N PHE B 50 -16.05 -14.21 20.26
CA PHE B 50 -14.60 -14.10 20.41
C PHE B 50 -14.13 -14.45 21.81
N GLU B 51 -13.01 -15.17 21.87
CA GLU B 51 -12.33 -15.47 23.12
C GLU B 51 -11.83 -14.15 23.71
N ASN B 52 -12.05 -13.94 25.00
CA ASN B 52 -11.74 -12.66 25.64
C ASN B 52 -10.28 -12.27 25.55
N GLU B 53 -9.39 -13.23 25.74
CA GLU B 53 -7.97 -12.95 25.69
C GLU B 53 -7.52 -12.72 24.24
N VAL B 54 -6.93 -11.57 24.00
CA VAL B 54 -6.33 -11.24 22.71
C VAL B 54 -4.82 -11.25 22.89
N ARG B 55 -4.16 -12.25 22.32
CA ARG B 55 -2.70 -12.32 22.37
C ARG B 55 -2.07 -11.38 21.35
N MET B 56 -1.05 -10.66 21.77
CA MET B 56 -0.40 -9.66 20.93
C MET B 56 1.10 -9.89 20.87
N TRP B 57 1.63 -10.12 19.67
CA TRP B 57 3.08 -10.22 19.51
C TRP B 57 3.67 -8.84 19.33
N ILE B 58 4.64 -8.50 20.17
CA ILE B 58 5.34 -7.23 20.06
C ILE B 58 6.84 -7.45 19.87
N ARG B 59 7.49 -6.52 19.18
CA ARG B 59 8.95 -6.52 19.05
C ARG B 59 9.58 -6.35 20.43
N ASP B 60 10.79 -6.88 20.58
CA ASP B 60 11.43 -6.92 21.89
C ASP B 60 12.16 -5.59 22.19
N GLU B 61 11.37 -4.54 22.44
CA GLU B 61 11.89 -3.20 22.75
C GLU B 61 11.83 -2.95 24.25
N PHE B 62 12.20 -1.73 24.65
CA PHE B 62 12.21 -1.33 26.06
C PHE B 62 11.53 0.02 26.28
N GLU B 66 13.52 -1.21 31.23
CA GLU B 66 12.12 -1.62 31.32
C GLU B 66 11.62 -2.21 29.99
N ARG B 67 11.27 -3.49 29.99
CA ARG B 67 10.92 -4.22 28.76
C ARG B 67 9.44 -4.10 28.37
N MET B 68 9.20 -3.91 27.07
CA MET B 68 7.89 -3.57 26.53
C MET B 68 6.78 -4.58 26.85
N VAL B 69 7.11 -5.86 26.73
CA VAL B 69 6.14 -6.94 26.98
C VAL B 69 5.57 -6.84 28.38
N ASP B 70 6.45 -6.58 29.34
CA ASP B 70 6.08 -6.51 30.76
C ASP B 70 5.28 -5.24 31.07
N ILE B 71 5.61 -4.15 30.39
CA ILE B 71 4.90 -2.88 30.56
C ILE B 71 3.42 -3.08 30.22
N ILE B 72 3.17 -3.65 29.04
CA ILE B 72 1.80 -3.90 28.57
C ILE B 72 1.05 -4.90 29.48
N ASN B 73 1.72 -5.99 29.85
CA ASN B 73 1.10 -7.00 30.71
C ASN B 73 0.82 -6.51 32.13
N ASN B 74 1.67 -5.62 32.66
CA ASN B 74 1.54 -5.15 34.04
C ASN B 74 0.85 -3.79 34.16
N LYS B 75 1.38 -2.80 33.43
CA LYS B 75 0.85 -1.44 33.47
C LYS B 75 -0.31 -1.20 32.48
N HIS B 76 -0.53 -2.15 31.57
CA HIS B 76 -1.62 -2.09 30.59
C HIS B 76 -1.68 -0.76 29.85
N GLU B 77 -0.55 -0.42 29.27
CA GLU B 77 -0.39 0.80 28.50
C GLU B 77 0.88 0.67 27.67
N ASN B 78 0.84 1.15 26.42
CA ASN B 78 2.05 1.21 25.60
C ASN B 78 2.71 2.57 25.83
N THR B 79 3.56 2.62 26.86
CA THR B 79 4.19 3.86 27.31
C THR B 79 5.17 4.45 26.29
N LYS B 80 5.58 3.66 25.31
CA LYS B 80 6.48 4.16 24.26
C LYS B 80 5.71 4.74 23.08
N TYR B 81 4.79 3.96 22.51
CA TYR B 81 4.13 4.33 21.24
C TYR B 81 2.73 4.92 21.39
N LEU B 82 2.02 4.56 22.45
CA LEU B 82 0.70 5.12 22.71
C LEU B 82 0.62 5.55 24.16
N LYS B 83 1.52 6.47 24.52
CA LYS B 83 1.65 6.96 25.90
C LYS B 83 0.35 7.62 26.36
N GLY B 84 -0.07 7.28 27.57
CA GLY B 84 -1.22 7.91 28.21
C GLY B 84 -2.57 7.22 28.02
N VAL B 85 -2.67 6.37 27.01
CA VAL B 85 -3.93 5.66 26.73
C VAL B 85 -3.94 4.28 27.42
N PRO B 86 -4.88 4.08 28.37
CA PRO B 86 -4.99 2.75 28.99
C PRO B 86 -5.51 1.70 28.01
N LEU B 87 -4.80 0.60 27.90
CA LEU B 87 -5.20 -0.51 27.04
C LEU B 87 -6.03 -1.52 27.84
N PRO B 88 -6.96 -2.22 27.18
CA PRO B 88 -7.77 -3.22 27.86
C PRO B 88 -6.91 -4.34 28.43
N HIS B 89 -7.27 -4.81 29.62
CA HIS B 89 -6.44 -5.75 30.37
C HIS B 89 -6.54 -7.18 29.84
N ASN B 90 -7.42 -7.42 28.87
CA ASN B 90 -7.47 -8.71 28.17
C ASN B 90 -6.50 -8.83 26.98
N ILE B 91 -5.66 -7.82 26.78
CA ILE B 91 -4.55 -7.89 25.82
C ILE B 91 -3.35 -8.48 26.56
N VAL B 92 -2.95 -9.69 26.16
CA VAL B 92 -1.79 -10.37 26.74
C VAL B 92 -0.62 -10.28 25.75
N ALA B 93 0.41 -9.53 26.11
CA ALA B 93 1.59 -9.36 25.26
C ALA B 93 2.57 -10.51 25.44
N HIS B 94 3.03 -11.07 24.32
CA HIS B 94 4.13 -12.03 24.31
C HIS B 94 5.25 -11.47 23.45
N SER B 95 6.45 -12.02 23.60
CA SER B 95 7.60 -11.56 22.82
C SER B 95 7.95 -12.50 21.67
N ASP B 96 7.41 -13.71 21.68
CA ASP B 96 7.71 -14.69 20.63
C ASP B 96 6.46 -15.06 19.82
N LEU B 97 6.66 -15.28 18.53
CA LEU B 97 5.57 -15.48 17.59
C LEU B 97 4.73 -16.73 17.86
N ALA B 98 5.37 -17.79 18.32
CA ALA B 98 4.69 -19.08 18.57
C ALA B 98 3.58 -18.95 19.60
N SER B 99 3.87 -18.21 20.67
CA SER B 99 2.93 -18.00 21.78
C SER B 99 1.75 -17.11 21.42
N VAL B 100 1.75 -16.57 20.20
CA VAL B 100 0.69 -15.68 19.74
C VAL B 100 -0.07 -16.27 18.55
N ILE B 101 0.66 -16.86 17.61
CA ILE B 101 0.09 -17.34 16.35
C ILE B 101 -0.62 -18.70 16.49
N ASN B 102 -0.03 -19.59 17.26
CA ASN B 102 -0.56 -20.96 17.39
C ASN B 102 -1.97 -20.97 17.96
N ASP B 103 -2.83 -21.81 17.38
CA ASP B 103 -4.24 -21.93 17.78
C ASP B 103 -5.06 -20.66 17.63
N ALA B 104 -4.47 -19.64 17.00
CA ALA B 104 -5.19 -18.40 16.71
C ALA B 104 -6.04 -18.63 15.47
N ASP B 105 -7.29 -18.21 15.53
CA ASP B 105 -8.25 -18.38 14.44
C ASP B 105 -8.36 -17.12 13.58
N LEU B 106 -7.93 -15.99 14.14
CA LEU B 106 -7.96 -14.71 13.44
C LEU B 106 -6.66 -13.96 13.71
N LEU B 107 -5.89 -13.74 12.63
CA LEU B 107 -4.57 -13.11 12.73
C LEU B 107 -4.63 -11.68 12.18
N ILE B 108 -4.38 -10.71 13.05
CA ILE B 108 -4.39 -9.32 12.65
C ILE B 108 -2.96 -8.81 12.49
N PHE B 109 -2.56 -8.60 11.24
CA PHE B 109 -1.21 -8.13 10.93
C PHE B 109 -1.17 -6.61 10.98
N ILE B 110 -0.41 -6.08 11.94
CA ILE B 110 -0.16 -4.65 12.03
C ILE B 110 1.35 -4.39 12.18
N VAL B 111 2.14 -5.03 11.31
CA VAL B 111 3.59 -4.81 11.31
C VAL B 111 3.91 -3.92 10.12
N PRO B 112 4.81 -2.93 10.32
CA PRO B 112 5.16 -2.06 9.20
C PRO B 112 5.91 -2.81 8.11
N CYS B 113 5.66 -2.48 6.85
CA CYS B 113 6.24 -3.21 5.71
C CYS B 113 7.75 -3.20 5.71
N GLN B 114 8.35 -2.26 6.43
CA GLN B 114 9.79 -2.24 6.65
C GLN B 114 10.26 -3.46 7.50
N TYR B 115 9.32 -4.17 8.13
CA TYR B 115 9.61 -5.41 8.87
C TYR B 115 8.78 -6.63 8.44
N LEU B 116 7.83 -6.45 7.52
CA LEU B 116 6.84 -7.50 7.23
C LEU B 116 7.45 -8.80 6.69
N GLU B 117 8.46 -8.68 5.83
CA GLU B 117 9.11 -9.85 5.24
C GLU B 117 9.81 -10.72 6.27
N SER B 118 10.55 -10.10 7.19
CA SER B 118 11.25 -10.84 8.26
C SER B 118 10.27 -11.60 9.13
N VAL B 119 9.19 -10.94 9.51
CA VAL B 119 8.16 -11.53 10.36
C VAL B 119 7.55 -12.74 9.67
N LEU B 120 7.08 -12.54 8.45
CA LEU B 120 6.49 -13.62 7.66
C LEU B 120 7.48 -14.78 7.47
N ALA B 121 8.73 -14.45 7.21
CA ALA B 121 9.79 -15.45 7.05
C ALA B 121 9.98 -16.26 8.34
N SER B 122 9.99 -15.58 9.48
CA SER B 122 10.17 -16.22 10.78
C SER B 122 9.04 -17.18 11.11
N ILE B 123 7.82 -16.82 10.71
CA ILE B 123 6.64 -17.68 10.89
C ILE B 123 6.77 -18.95 10.05
N LYS B 124 7.32 -18.81 8.85
CA LYS B 124 7.46 -19.93 7.92
C LYS B 124 8.49 -21.00 8.36
N GLU B 125 9.29 -20.72 9.38
CA GLU B 125 10.36 -21.63 9.82
C GLU B 125 10.01 -22.49 11.05
N ILE B 129 5.88 -22.95 15.67
CA ILE B 129 4.89 -22.06 15.04
C ILE B 129 4.12 -22.77 13.93
N LYS B 130 2.83 -23.01 14.15
CA LYS B 130 1.94 -23.57 13.13
C LYS B 130 0.70 -22.69 12.97
N ILE B 131 0.48 -22.21 11.76
CA ILE B 131 -0.75 -21.51 11.42
C ILE B 131 -1.84 -22.52 11.14
N ALA B 132 -2.98 -22.36 11.78
CA ALA B 132 -4.14 -23.23 11.56
C ALA B 132 -4.66 -23.07 10.13
N SER B 133 -5.08 -24.18 9.52
CA SER B 133 -5.48 -24.17 8.11
C SER B 133 -6.73 -23.32 7.87
N HIS B 134 -7.64 -23.32 8.85
CA HIS B 134 -8.89 -22.55 8.77
C HIS B 134 -8.71 -21.07 9.17
N ALA B 135 -7.50 -20.71 9.61
CA ALA B 135 -7.23 -19.36 10.10
C ALA B 135 -7.43 -18.32 9.01
N LYS B 136 -7.93 -17.16 9.41
CA LYS B 136 -8.11 -16.01 8.54
C LYS B 136 -7.18 -14.90 8.99
N ALA B 137 -6.67 -14.13 8.03
CA ALA B 137 -5.79 -13.01 8.33
C ALA B 137 -6.37 -11.69 7.84
N ILE B 138 -5.81 -10.60 8.34
CA ILE B 138 -6.16 -9.26 7.88
C ILE B 138 -4.95 -8.33 8.02
N SER B 139 -4.75 -7.48 7.01
CA SER B 139 -3.65 -6.53 7.00
C SER B 139 -4.18 -5.16 7.37
N LEU B 140 -3.54 -4.51 8.33
CA LEU B 140 -3.94 -3.18 8.78
C LEU B 140 -2.87 -2.11 8.51
N THR B 141 -1.75 -2.50 7.91
CA THR B 141 -0.67 -1.55 7.63
C THR B 141 -0.76 -1.00 6.22
N LYS B 142 -0.82 0.33 6.14
CA LYS B 142 -0.87 1.03 4.86
C LYS B 142 0.54 1.07 4.25
N GLY B 143 0.65 0.60 3.02
CA GLY B 143 1.94 0.57 2.33
C GLY B 143 2.02 -0.52 1.28
N PHE B 144 3.23 -1.04 1.09
CA PHE B 144 3.48 -2.08 0.09
C PHE B 144 4.81 -2.79 0.37
N ILE B 145 5.02 -3.88 -0.35
CA ILE B 145 6.27 -4.63 -0.30
C ILE B 145 6.85 -4.65 -1.71
N VAL B 146 8.16 -4.44 -1.81
CA VAL B 146 8.86 -4.46 -3.11
C VAL B 146 9.42 -5.86 -3.41
N LYS B 147 9.02 -6.41 -4.55
CA LYS B 147 9.56 -7.69 -5.00
C LYS B 147 9.96 -7.61 -6.48
N LYS B 148 11.28 -7.61 -6.71
CA LYS B 148 11.87 -7.46 -8.05
C LYS B 148 11.47 -6.11 -8.66
N ASN B 149 11.69 -5.05 -7.89
CA ASN B 149 11.32 -3.66 -8.28
C ASN B 149 9.84 -3.45 -8.62
N GLN B 150 9.00 -4.41 -8.23
CA GLN B 150 7.57 -4.32 -8.48
C GLN B 150 6.85 -4.14 -7.14
N MET B 151 5.71 -3.48 -7.19
CA MET B 151 4.93 -3.16 -5.99
C MET B 151 3.92 -4.26 -5.71
N LYS B 152 4.08 -4.90 -4.54
CA LYS B 152 3.18 -5.94 -4.09
C LYS B 152 2.38 -5.46 -2.88
N LEU B 153 1.05 -5.57 -2.96
CA LEU B 153 0.16 -5.14 -1.88
C LEU B 153 0.20 -6.13 -0.71
N CYS B 154 0.09 -5.62 0.51
CA CYS B 154 0.35 -6.42 1.72
C CYS B 154 -0.55 -7.64 1.88
N SER B 155 -1.86 -7.45 1.80
CA SER B 155 -2.78 -8.55 2.01
C SER B 155 -2.47 -9.69 1.03
N ASN B 156 -2.19 -9.34 -0.22
CA ASN B 156 -1.81 -10.32 -1.23
C ASN B 156 -0.49 -11.01 -0.88
N TYR B 157 0.49 -10.23 -0.43
CA TYR B 157 1.79 -10.79 -0.07
C TYR B 157 1.69 -11.72 1.15
N ILE B 158 0.98 -11.28 2.18
CA ILE B 158 0.72 -12.11 3.35
C ILE B 158 0.01 -13.39 2.94
N SER B 159 -1.01 -13.26 2.11
CA SER B 159 -1.82 -14.39 1.69
C SER B 159 -1.06 -15.40 0.82
N ASP B 160 -0.02 -14.94 0.12
CA ASP B 160 0.81 -15.83 -0.69
C ASP B 160 1.95 -16.43 0.12
N PHE B 161 2.59 -15.63 0.96
CA PHE B 161 3.76 -16.08 1.72
C PHE B 161 3.34 -17.14 2.72
N LEU B 162 2.36 -16.82 3.55
CA LEU B 162 1.62 -17.83 4.31
C LEU B 162 0.57 -18.30 3.33
N ASN B 163 -0.25 -19.27 3.70
CA ASN B 163 -1.23 -19.79 2.74
C ASN B 163 -2.67 -19.64 3.23
N ILE B 164 -2.99 -18.46 3.72
CA ILE B 164 -4.33 -18.19 4.27
C ILE B 164 -4.97 -16.96 3.64
N PRO B 165 -6.32 -16.92 3.59
CA PRO B 165 -6.97 -15.72 3.09
C PRO B 165 -6.60 -14.50 3.90
N CYS B 166 -6.37 -13.38 3.23
CA CYS B 166 -6.02 -12.15 3.94
C CYS B 166 -6.86 -10.97 3.48
N SER B 167 -7.64 -10.45 4.41
CA SER B 167 -8.44 -9.26 4.16
C SER B 167 -7.57 -8.02 4.41
N ALA B 168 -8.13 -6.84 4.16
CA ALA B 168 -7.42 -5.58 4.35
C ALA B 168 -8.30 -4.55 5.03
N LEU B 169 -7.75 -3.86 6.03
CA LEU B 169 -8.46 -2.78 6.71
C LEU B 169 -7.70 -1.49 6.53
N SER B 170 -8.40 -0.47 6.03
CA SER B 170 -7.86 0.88 5.92
C SER B 170 -9.00 1.87 6.09
N GLY B 171 -8.68 3.04 6.64
CA GLY B 171 -9.69 4.06 6.83
C GLY B 171 -9.13 5.43 7.16
N ALA B 172 -10.02 6.41 7.24
CA ALA B 172 -9.65 7.75 7.69
C ALA B 172 -9.34 7.70 9.19
N ASN B 173 -8.17 7.14 9.50
CA ASN B 173 -7.80 6.80 10.87
C ASN B 173 -6.49 7.45 11.29
N ILE B 174 -6.52 8.06 12.46
CA ILE B 174 -5.34 8.58 13.11
C ILE B 174 -5.30 7.91 14.47
N ALA B 175 -4.23 7.14 14.71
CA ALA B 175 -4.11 6.32 15.90
C ALA B 175 -4.74 6.94 17.15
N MET B 176 -4.37 8.18 17.43
CA MET B 176 -4.80 8.85 18.66
C MET B 176 -6.29 9.14 18.68
N ASP B 177 -6.83 9.61 17.55
CA ASP B 177 -8.26 9.89 17.44
C ASP B 177 -9.09 8.65 17.78
N VAL B 178 -8.70 7.51 17.23
CA VAL B 178 -9.37 6.23 17.49
C VAL B 178 -9.17 5.80 18.94
N ALA B 179 -7.91 5.85 19.39
CA ALA B 179 -7.56 5.53 20.77
C ALA B 179 -8.35 6.38 21.78
N MET B 180 -8.59 7.64 21.43
CA MET B 180 -9.30 8.58 22.28
C MET B 180 -10.82 8.54 22.06
N GLU B 181 -11.29 7.50 21.37
CA GLU B 181 -12.73 7.22 21.17
C GLU B 181 -13.49 8.32 20.43
N ASN B 182 -12.80 9.02 19.55
CA ASN B 182 -13.43 9.95 18.63
C ASN B 182 -13.99 9.22 17.41
N PHE B 183 -15.10 9.71 16.89
CA PHE B 183 -15.81 9.05 15.79
C PHE B 183 -14.90 8.89 14.57
N SER B 184 -14.64 7.63 14.23
CA SER B 184 -13.86 7.28 13.06
C SER B 184 -14.59 6.19 12.30
N GLU B 185 -14.19 6.01 11.04
CA GLU B 185 -14.67 4.90 10.21
C GLU B 185 -13.48 4.14 9.63
N ALA B 186 -13.76 2.93 9.15
CA ALA B 186 -12.77 2.17 8.42
C ALA B 186 -13.45 1.28 7.39
N THR B 187 -12.67 0.87 6.39
CA THR B 187 -13.18 0.02 5.32
C THR B 187 -12.44 -1.29 5.36
N ILE B 188 -13.17 -2.39 5.45
CA ILE B 188 -12.56 -3.71 5.35
C ILE B 188 -12.83 -4.29 3.97
N GLY B 189 -11.75 -4.56 3.26
CA GLY B 189 -11.81 -5.21 1.95
C GLY B 189 -11.46 -6.68 2.09
N GLY B 190 -12.16 -7.53 1.37
CA GLY B 190 -11.92 -8.97 1.46
C GLY B 190 -12.63 -9.78 0.40
N ASN B 191 -11.88 -10.68 -0.23
CA ASN B 191 -12.39 -11.54 -1.28
C ASN B 191 -13.19 -12.73 -0.72
N ASP B 192 -13.03 -12.99 0.58
CA ASP B 192 -13.72 -14.06 1.29
C ASP B 192 -14.90 -13.48 2.10
N LYS B 193 -16.13 -13.81 1.68
CA LYS B 193 -17.34 -13.26 2.32
C LYS B 193 -17.54 -13.71 3.77
N ASP B 194 -17.18 -14.96 4.05
CA ASP B 194 -17.32 -15.51 5.40
C ASP B 194 -16.32 -14.87 6.37
N SER B 195 -15.20 -14.37 5.84
CA SER B 195 -14.23 -13.64 6.65
C SER B 195 -14.76 -12.26 7.03
N LEU B 196 -15.37 -11.58 6.05
CA LEU B 196 -15.82 -10.19 6.23
C LEU B 196 -16.83 -10.03 7.36
N VAL B 197 -17.79 -10.94 7.43
CA VAL B 197 -18.80 -10.95 8.48
C VAL B 197 -18.15 -10.90 9.88
N ILE B 198 -17.10 -11.71 10.05
CA ILE B 198 -16.41 -11.82 11.33
C ILE B 198 -15.49 -10.64 11.57
N TRP B 199 -14.65 -10.30 10.59
CA TRP B 199 -13.73 -9.15 10.74
C TRP B 199 -14.49 -7.88 11.10
N GLN B 200 -15.68 -7.71 10.55
CA GLN B 200 -16.51 -6.55 10.87
C GLN B 200 -16.83 -6.51 12.36
N ARG B 201 -17.09 -7.68 12.95
CA ARG B 201 -17.42 -7.78 14.36
C ARG B 201 -16.21 -7.58 15.27
N VAL B 202 -15.05 -8.02 14.80
CA VAL B 202 -13.80 -7.82 15.53
C VAL B 202 -13.52 -6.33 15.74
N PHE B 203 -13.86 -5.51 14.73
CA PHE B 203 -13.42 -4.11 14.71
C PHE B 203 -14.52 -3.09 14.98
N ASP B 204 -15.76 -3.38 14.59
CA ASP B 204 -16.81 -2.37 14.69
C ASP B 204 -17.13 -2.01 16.14
N LEU B 205 -17.00 -0.71 16.42
CA LEU B 205 -17.43 -0.09 17.68
C LEU B 205 -18.15 1.20 17.31
N PRO B 206 -18.92 1.78 18.26
CA PRO B 206 -19.57 3.07 17.96
C PRO B 206 -18.61 4.18 17.48
N TYR B 207 -17.39 4.20 18.00
CA TYR B 207 -16.39 5.20 17.58
C TYR B 207 -15.49 4.71 16.44
N PHE B 208 -15.79 3.54 15.90
CA PHE B 208 -14.99 2.94 14.84
C PHE B 208 -15.89 2.10 13.92
N LYS B 209 -16.62 2.79 13.03
CA LYS B 209 -17.63 2.13 12.20
C LYS B 209 -17.03 1.48 10.95
N ILE B 210 -17.47 0.27 10.65
CA ILE B 210 -16.86 -0.56 9.62
C ILE B 210 -17.82 -0.81 8.46
N ASN B 211 -17.39 -0.45 7.25
CA ASN B 211 -18.07 -0.92 6.03
C ASN B 211 -17.20 -1.98 5.39
N CYS B 212 -17.86 -2.95 4.74
CA CYS B 212 -17.17 -4.05 4.08
C CYS B 212 -17.31 -3.96 2.57
N VAL B 213 -16.21 -4.26 1.87
CA VAL B 213 -16.21 -4.38 0.42
C VAL B 213 -15.54 -5.69 0.01
N ASN B 214 -15.91 -6.19 -1.17
CA ASN B 214 -15.50 -7.53 -1.59
C ASN B 214 -14.15 -7.60 -2.32
N GLU B 215 -13.25 -6.65 -2.04
CA GLU B 215 -11.95 -6.62 -2.72
C GLU B 215 -10.90 -5.83 -1.92
N THR B 216 -9.66 -6.32 -1.96
CA THR B 216 -8.56 -5.73 -1.21
C THR B 216 -7.73 -4.72 -2.01
N ILE B 217 -7.66 -4.91 -3.33
CA ILE B 217 -6.80 -4.09 -4.20
C ILE B 217 -6.99 -2.59 -3.99
N GLU B 218 -8.23 -2.12 -4.14
CA GLU B 218 -8.52 -0.67 -4.06
C GLU B 218 -8.22 -0.14 -2.67
N VAL B 219 -8.71 -0.83 -1.66
CA VAL B 219 -8.50 -0.46 -0.25
C VAL B 219 -7.02 -0.22 0.05
N GLU B 220 -6.16 -1.11 -0.43
CA GLU B 220 -4.73 -1.06 -0.13
C GLU B 220 -3.95 -0.07 -1.01
N ILE B 221 -4.38 0.11 -2.26
CA ILE B 221 -3.80 1.13 -3.14
C ILE B 221 -4.05 2.53 -2.60
N CYS B 222 -5.26 2.75 -2.07
CA CYS B 222 -5.58 4.02 -1.43
C CYS B 222 -4.66 4.33 -0.27
N GLY B 223 -4.54 3.38 0.65
CA GLY B 223 -3.67 3.55 1.82
C GLY B 223 -2.22 3.79 1.47
N ALA B 224 -1.78 3.17 0.37
CA ALA B 224 -0.42 3.34 -0.10
C ALA B 224 -0.24 4.68 -0.80
N LEU B 225 -0.99 4.87 -1.88
CA LEU B 225 -0.77 6.01 -2.78
C LEU B 225 -1.29 7.35 -2.25
N LYS B 226 -2.15 7.34 -1.23
CA LYS B 226 -2.64 8.61 -0.66
C LYS B 226 -1.48 9.52 -0.22
N ASN B 227 -0.34 8.90 0.09
CA ASN B 227 0.85 9.61 0.53
C ASN B 227 1.47 10.47 -0.57
N ILE B 228 1.34 10.03 -1.81
CA ILE B 228 1.74 10.84 -2.96
C ILE B 228 0.83 12.07 -3.06
N ILE B 229 -0.46 11.87 -2.84
CA ILE B 229 -1.44 12.95 -2.87
C ILE B 229 -1.22 13.95 -1.73
N THR B 230 -0.85 13.44 -0.55
CA THR B 230 -0.50 14.32 0.58
C THR B 230 0.82 15.06 0.31
N LEU B 231 1.76 14.40 -0.36
CA LEU B 231 3.02 15.02 -0.79
C LEU B 231 2.74 16.18 -1.74
N ALA B 232 1.81 15.96 -2.67
CA ALA B 232 1.38 16.99 -3.61
C ALA B 232 0.72 18.16 -2.88
N CYS B 233 -0.13 17.86 -1.91
CA CYS B 233 -0.80 18.90 -1.12
C CYS B 233 0.22 19.78 -0.43
N GLY B 234 1.25 19.15 0.15
CA GLY B 234 2.34 19.88 0.77
C GLY B 234 3.00 20.83 -0.22
N PHE B 235 3.32 20.31 -1.40
CA PHE B 235 3.89 21.11 -2.48
C PHE B 235 3.03 22.33 -2.78
N CYS B 236 1.72 22.15 -2.77
CA CYS B 236 0.77 23.26 -3.00
C CYS B 236 0.83 24.28 -1.88
N ASP B 237 0.81 23.80 -0.64
CA ASP B 237 0.92 24.68 0.52
C ASP B 237 2.23 25.47 0.48
N GLY B 238 3.34 24.76 0.24
CA GLY B 238 4.65 25.39 0.15
C GLY B 238 4.74 26.44 -0.93
N LEU B 239 4.10 26.17 -2.07
CA LEU B 239 4.06 27.11 -3.19
C LEU B 239 3.05 28.23 -2.99
N ASN B 240 2.32 28.19 -1.88
CA ASN B 240 1.31 29.20 -1.55
C ASN B 240 0.17 29.26 -2.59
N LEU B 241 -0.19 28.10 -3.14
CA LEU B 241 -1.22 28.03 -4.18
C LEU B 241 -2.61 28.19 -3.58
N PRO B 242 -3.54 28.82 -4.32
CA PRO B 242 -4.92 28.92 -3.84
C PRO B 242 -5.63 27.58 -3.86
N THR B 243 -6.75 27.50 -3.14
CA THR B 243 -7.46 26.23 -2.96
C THR B 243 -8.00 25.67 -4.28
N ASN B 244 -8.51 26.54 -5.15
CA ASN B 244 -8.87 26.12 -6.52
C ASN B 244 -7.79 25.25 -7.15
N SER B 245 -6.54 25.71 -7.04
CA SER B 245 -5.39 25.03 -7.64
C SER B 245 -5.02 23.76 -6.87
N LYS B 246 -5.05 23.81 -5.54
CA LYS B 246 -4.74 22.62 -4.73
C LYS B 246 -5.77 21.52 -4.95
N SER B 247 -7.05 21.88 -4.97
CA SER B 247 -8.12 20.92 -5.21
C SER B 247 -7.99 20.27 -6.58
N ALA B 248 -7.55 21.05 -7.57
CA ALA B 248 -7.32 20.50 -8.91
C ALA B 248 -6.21 19.46 -8.86
N ILE B 249 -5.11 19.80 -8.19
CA ILE B 249 -3.98 18.89 -8.06
C ILE B 249 -4.41 17.60 -7.34
N ILE B 250 -5.17 17.74 -6.27
CA ILE B 250 -5.69 16.59 -5.52
C ILE B 250 -6.55 15.69 -6.41
N ARG B 251 -7.47 16.31 -7.15
CA ARG B 251 -8.34 15.58 -8.06
C ARG B 251 -7.53 14.76 -9.05
N ASN B 252 -6.52 15.39 -9.66
CA ASN B 252 -5.68 14.71 -10.65
C ASN B 252 -4.86 13.58 -10.00
N GLY B 253 -4.37 13.82 -8.79
CA GLY B 253 -3.72 12.76 -8.01
C GLY B 253 -4.61 11.56 -7.75
N ILE B 254 -5.89 11.80 -7.46
CA ILE B 254 -6.86 10.73 -7.24
C ILE B 254 -7.09 9.93 -8.51
N ASN B 255 -7.26 10.63 -9.63
CA ASN B 255 -7.50 9.97 -10.91
C ASN B 255 -6.28 9.18 -11.40
N GLU B 256 -5.09 9.70 -11.14
CA GLU B 256 -3.86 8.97 -11.47
C GLU B 256 -3.64 7.78 -10.53
N MET B 257 -4.11 7.89 -9.29
CA MET B 257 -4.10 6.76 -8.37
C MET B 257 -5.03 5.65 -8.87
N ILE B 258 -6.20 6.03 -9.37
CA ILE B 258 -7.15 5.08 -9.93
C ILE B 258 -6.56 4.41 -11.17
N LEU B 259 -5.91 5.20 -12.01
CA LEU B 259 -5.30 4.68 -13.23
C LEU B 259 -4.17 3.72 -12.91
N PHE B 260 -3.33 4.07 -11.94
CA PHE B 260 -2.26 3.20 -11.48
C PHE B 260 -2.78 1.83 -11.06
N GLY B 261 -3.91 1.81 -10.37
CA GLY B 261 -4.55 0.56 -9.98
C GLY B 261 -5.04 -0.22 -11.18
N LYS B 262 -5.75 0.46 -12.08
CA LYS B 262 -6.27 -0.17 -13.30
C LYS B 262 -5.16 -0.80 -14.15
N VAL B 263 -4.12 -0.02 -14.42
CA VAL B 263 -3.01 -0.44 -15.27
C VAL B 263 -2.22 -1.59 -14.65
N PHE B 264 -1.70 -1.35 -13.45
CA PHE B 264 -0.74 -2.26 -12.83
C PHE B 264 -1.35 -3.38 -11.98
N PHE B 265 -2.57 -3.20 -11.50
CA PHE B 265 -3.25 -4.22 -10.70
C PHE B 265 -4.55 -4.68 -11.35
N GLN B 266 -4.66 -4.47 -12.67
CA GLN B 266 -5.71 -5.04 -13.50
C GLN B 266 -7.13 -4.52 -13.26
N LYS B 267 -7.35 -3.76 -12.19
CA LYS B 267 -8.68 -3.20 -11.91
C LYS B 267 -8.64 -2.12 -10.84
N PHE B 268 -9.61 -1.20 -10.90
CA PHE B 268 -9.86 -0.27 -9.81
C PHE B 268 -11.31 0.23 -9.80
N ASN B 269 -12.08 -0.28 -8.85
CA ASN B 269 -13.44 0.17 -8.64
C ASN B 269 -13.42 1.57 -8.04
N GLU B 270 -13.90 2.54 -8.81
CA GLU B 270 -13.89 3.94 -8.39
C GLU B 270 -14.80 4.19 -7.18
N ASN B 271 -15.86 3.40 -7.04
CA ASN B 271 -16.77 3.52 -5.89
C ASN B 271 -16.07 3.37 -4.54
N ILE B 272 -14.91 2.70 -4.52
CA ILE B 272 -14.15 2.55 -3.28
C ILE B 272 -13.63 3.90 -2.76
N LEU B 273 -13.55 4.91 -3.63
CA LEU B 273 -13.26 6.29 -3.16
C LEU B 273 -14.38 6.82 -2.25
N LEU B 274 -15.60 6.30 -2.42
CA LEU B 274 -16.72 6.68 -1.55
C LEU B 274 -16.63 6.02 -0.18
N GLU B 275 -15.75 5.05 -0.02
CA GLU B 275 -15.51 4.39 1.27
C GLU B 275 -14.49 5.16 2.10
N SER B 276 -14.41 4.81 3.39
CA SER B 276 -13.57 5.54 4.33
C SER B 276 -12.09 5.51 3.98
N CYS B 277 -11.64 4.41 3.39
CA CYS B 277 -10.24 4.23 2.98
C CYS B 277 -9.87 5.12 1.81
N GLY B 278 -10.87 5.58 1.07
CA GLY B 278 -10.66 6.41 -0.12
C GLY B 278 -10.66 7.90 0.16
N PHE B 279 -11.63 8.61 -0.40
CA PHE B 279 -11.71 10.09 -0.30
C PHE B 279 -11.46 10.60 1.11
N ALA B 280 -12.14 10.00 2.08
CA ALA B 280 -12.09 10.47 3.46
C ALA B 280 -10.69 10.40 4.04
N ASP B 281 -10.01 9.28 3.82
CA ASP B 281 -8.65 9.09 4.32
C ASP B 281 -7.66 10.02 3.63
N ILE B 282 -7.94 10.37 2.37
CA ILE B 282 -7.11 11.31 1.63
C ILE B 282 -7.18 12.71 2.26
N ILE B 283 -8.39 13.20 2.52
CA ILE B 283 -8.56 14.52 3.15
C ILE B 283 -8.10 14.55 4.61
N THR B 284 -8.29 13.45 5.34
CA THR B 284 -7.77 13.33 6.70
C THR B 284 -6.25 13.35 6.69
N SER B 285 -5.65 12.76 5.66
CA SER B 285 -4.21 12.60 5.57
C SER B 285 -3.48 13.92 5.24
N PHE B 286 -4.11 14.78 4.42
CA PHE B 286 -3.49 16.07 4.10
C PHE B 286 -3.83 17.14 5.15
N LEU B 287 -4.99 17.01 5.79
CA LEU B 287 -5.32 17.86 6.94
C LEU B 287 -4.52 17.44 8.18
N ALA B 288 -4.04 16.19 8.20
CA ALA B 288 -3.10 15.73 9.25
C ALA B 288 -1.68 16.16 8.90
N GLY B 289 -0.90 16.51 9.91
CA GLY B 289 0.37 17.24 9.73
C GLY B 289 1.57 16.48 9.17
N ARG B 290 1.97 15.41 9.87
CA ARG B 290 3.26 14.76 9.61
C ARG B 290 3.27 13.85 8.37
N ASN B 291 3.21 14.49 7.21
CA ASN B 291 3.26 13.81 5.90
C ASN B 291 3.26 14.87 4.80
N ALA B 292 2.25 15.74 4.82
CA ALA B 292 2.12 16.84 3.87
C ALA B 292 2.91 18.07 4.30
N LYS B 293 2.96 18.35 5.60
CA LYS B 293 3.58 19.60 6.09
C LYS B 293 5.12 19.60 5.98
N CYS B 294 5.73 18.42 5.97
CA CYS B 294 7.18 18.28 5.70
C CYS B 294 7.48 18.34 4.19
N SER B 295 6.47 18.08 3.37
CA SER B 295 6.56 18.27 1.91
C SER B 295 6.46 19.75 1.54
N ALA B 296 5.61 20.47 2.27
CA ALA B 296 5.50 21.92 2.15
C ALA B 296 6.80 22.59 2.58
N GLU B 297 7.47 22.00 3.57
CA GLU B 297 8.78 22.47 4.03
C GLU B 297 9.89 22.20 3.00
N PHE B 298 9.74 21.12 2.23
CA PHE B 298 10.67 20.83 1.13
C PHE B 298 10.59 21.89 0.02
N ILE B 299 9.39 22.42 -0.22
CA ILE B 299 9.20 23.53 -1.17
C ILE B 299 9.30 24.87 -0.42
N LYS B 300 10.52 25.18 0.01
CA LYS B 300 10.87 26.47 0.63
C LYS B 300 12.32 26.79 0.28
N SER B 301 13.21 25.86 0.65
CA SER B 301 14.61 25.88 0.24
C SER B 301 14.88 24.53 -0.47
N THR B 302 14.48 24.44 -1.75
CA THR B 302 14.46 23.16 -2.51
C THR B 302 15.83 22.53 -2.83
N PRO B 303 16.77 23.30 -3.44
CA PRO B 303 18.13 22.79 -3.60
C PRO B 303 19.01 22.99 -2.36
N LYS B 304 18.43 23.52 -1.29
CA LYS B 304 19.17 23.84 -0.05
C LYS B 304 18.74 22.99 1.16
N LYS B 305 17.76 22.09 0.99
CA LYS B 305 17.36 21.13 2.04
C LYS B 305 16.87 19.80 1.45
N THR B 306 17.48 18.70 1.91
CA THR B 306 17.16 17.35 1.42
C THR B 306 16.01 16.70 2.19
N TRP B 307 15.53 15.56 1.68
CA TRP B 307 14.43 14.81 2.30
C TRP B 307 14.84 14.18 3.64
N GLU B 308 16.03 13.57 3.65
CA GLU B 308 16.56 12.90 4.86
C GLU B 308 16.66 13.90 6.02
N GLU B 309 17.18 15.09 5.71
CA GLU B 309 17.33 16.18 6.68
C GLU B 309 15.97 16.66 7.23
N LEU B 310 14.96 16.73 6.36
CA LEU B 310 13.62 17.21 6.73
C LEU B 310 12.76 16.14 7.40
N GLU B 311 13.21 14.90 7.33
CA GLU B 311 12.56 13.80 8.06
C GLU B 311 12.94 13.84 9.55
N ASN B 312 14.16 14.29 9.84
CA ASN B 312 14.61 14.54 11.22
C ASN B 312 13.97 15.82 11.79
N GLU B 313 14.15 16.93 11.08
CA GLU B 313 13.71 18.25 11.52
C GLU B 313 12.21 18.36 11.80
N ILE B 314 11.40 17.66 11.00
CA ILE B 314 9.92 17.78 11.05
C ILE B 314 9.23 16.55 11.68
N LEU B 315 9.58 15.36 11.20
CA LEU B 315 8.88 14.13 11.61
C LEU B 315 9.53 13.42 12.81
N LYS B 316 10.38 14.14 13.55
CA LYS B 316 11.07 13.62 14.74
C LYS B 316 11.91 12.36 14.44
N GLY B 317 12.55 12.35 13.27
CA GLY B 317 13.42 11.23 12.85
C GLY B 317 12.76 10.20 11.93
N GLN B 318 11.43 10.27 11.79
CA GLN B 318 10.67 9.28 11.02
C GLN B 318 10.80 9.50 9.50
N LYS B 319 10.83 8.39 8.76
CA LYS B 319 10.90 8.43 7.29
C LYS B 319 9.55 8.80 6.67
N LEU B 320 9.58 9.61 5.60
CA LEU B 320 8.38 10.04 4.90
C LEU B 320 7.89 8.95 3.93
N GLN B 321 6.67 8.44 4.15
CA GLN B 321 6.11 7.37 3.32
C GLN B 321 5.81 7.86 1.89
N GLY B 322 5.37 9.12 1.76
CA GLY B 322 5.01 9.70 0.47
C GLY B 322 6.14 9.72 -0.56
N THR B 323 7.35 10.03 -0.11
CA THR B 323 8.50 10.11 -0.98
C THR B 323 8.92 8.71 -1.48
N VAL B 324 8.88 7.72 -0.59
CA VAL B 324 9.25 6.35 -0.96
C VAL B 324 8.24 5.74 -1.93
N THR B 325 6.95 5.87 -1.60
CA THR B 325 5.87 5.38 -2.46
C THR B 325 5.99 5.92 -3.88
N LEU B 326 6.26 7.22 -3.98
CA LEU B 326 6.40 7.89 -5.27
C LEU B 326 7.55 7.31 -6.11
N LYS B 327 8.67 7.01 -5.45
CA LYS B 327 9.86 6.47 -6.10
C LYS B 327 9.56 5.17 -6.85
N TYR B 328 8.89 4.25 -6.18
CA TYR B 328 8.55 2.94 -6.75
C TYR B 328 7.36 3.00 -7.70
N VAL B 329 6.40 3.87 -7.41
CA VAL B 329 5.26 4.07 -8.30
C VAL B 329 5.74 4.62 -9.64
N TYR B 330 6.58 5.64 -9.60
CA TYR B 330 7.15 6.24 -10.81
C TYR B 330 8.01 5.26 -11.60
N HIS B 331 8.81 4.46 -10.89
CA HIS B 331 9.67 3.46 -11.50
C HIS B 331 8.88 2.47 -12.35
N MET B 332 7.76 2.00 -11.81
CA MET B 332 6.86 1.09 -12.53
C MET B 332 6.22 1.77 -13.74
N ILE B 333 5.88 3.05 -13.58
CA ILE B 333 5.33 3.86 -14.67
C ILE B 333 6.39 4.06 -15.76
N LYS B 334 7.60 4.40 -15.33
CA LYS B 334 8.71 4.68 -16.23
C LYS B 334 9.07 3.47 -17.09
N GLU B 335 9.18 2.30 -16.47
CA GLU B 335 9.57 1.08 -17.19
C GLU B 335 8.53 0.63 -18.22
N LYS B 336 7.26 0.95 -18.00
CA LYS B 336 6.20 0.69 -18.98
C LYS B 336 6.05 1.84 -19.98
N ASN B 337 6.86 2.89 -19.84
CA ASN B 337 6.85 4.07 -20.71
C ASN B 337 5.49 4.75 -20.76
N MET B 338 4.93 5.03 -19.59
CA MET B 338 3.60 5.60 -19.47
C MET B 338 3.59 6.94 -18.75
N THR B 339 4.76 7.58 -18.62
CA THR B 339 4.86 8.86 -17.91
C THR B 339 3.93 9.94 -18.48
N ASN B 340 3.61 9.83 -19.77
CA ASN B 340 2.65 10.73 -20.41
C ASN B 340 1.24 10.62 -19.83
N GLU B 341 0.87 9.42 -19.40
CA GLU B 341 -0.47 9.16 -18.84
C GLU B 341 -0.54 9.43 -17.33
N PHE B 342 0.61 9.67 -16.71
CA PHE B 342 0.69 10.01 -15.29
C PHE B 342 1.46 11.33 -15.09
N PRO B 343 0.92 12.44 -15.65
CA PRO B 343 1.63 13.73 -15.62
C PRO B 343 1.98 14.23 -14.23
N LEU B 344 1.05 14.07 -13.28
CA LEU B 344 1.25 14.54 -11.91
C LEU B 344 2.32 13.74 -11.20
N PHE B 345 2.16 12.41 -11.17
CA PHE B 345 3.15 11.53 -10.53
C PHE B 345 4.54 11.76 -11.14
N THR B 346 4.58 12.01 -12.44
CA THR B 346 5.84 12.26 -13.14
C THR B 346 6.51 13.54 -12.64
N VAL B 347 5.78 14.65 -12.66
CA VAL B 347 6.34 15.94 -12.26
C VAL B 347 6.65 15.96 -10.76
N LEU B 348 5.83 15.27 -9.96
CA LEU B 348 6.09 15.15 -8.52
C LEU B 348 7.40 14.42 -8.27
N HIS B 349 7.68 13.42 -9.09
CA HIS B 349 8.94 12.67 -9.01
C HIS B 349 10.10 13.57 -9.41
N LYS B 350 9.93 14.29 -10.51
CA LYS B 350 10.95 15.22 -10.99
C LYS B 350 11.29 16.27 -9.95
N ILE B 351 10.28 16.85 -9.33
CA ILE B 351 10.48 17.88 -8.30
C ILE B 351 11.13 17.30 -7.04
N SER B 352 10.70 16.11 -6.64
CA SER B 352 11.19 15.48 -5.40
C SER B 352 12.63 14.96 -5.50
N PHE B 353 12.97 14.35 -6.64
CA PHE B 353 14.23 13.62 -6.78
C PHE B 353 15.17 14.11 -7.88
N GLU B 354 14.65 14.83 -8.88
CA GLU B 354 15.45 15.25 -10.03
C GLU B 354 15.62 16.77 -10.10
N ASN B 355 15.49 17.44 -8.96
CA ASN B 355 15.78 18.86 -8.84
C ASN B 355 14.99 19.76 -9.81
N GLU B 356 13.76 19.37 -10.12
CA GLU B 356 12.90 20.14 -11.03
C GLU B 356 12.30 21.32 -10.28
N ASP B 357 12.17 22.44 -10.97
CA ASP B 357 11.60 23.66 -10.38
C ASP B 357 10.14 23.39 -10.00
N PRO B 358 9.78 23.59 -8.72
CA PRO B 358 8.39 23.49 -8.24
C PRO B 358 7.32 24.17 -9.10
N SER B 359 7.70 25.22 -9.83
CA SER B 359 6.79 25.88 -10.78
C SER B 359 6.29 24.91 -11.86
N SER B 360 7.07 23.87 -12.16
CA SER B 360 6.69 22.85 -13.15
C SER B 360 5.43 22.07 -12.76
N LEU B 361 5.11 22.03 -11.47
CA LEU B 361 3.87 21.41 -10.99
C LEU B 361 2.64 22.00 -11.69
N LEU B 362 2.47 23.33 -11.59
CA LEU B 362 1.35 24.00 -12.23
C LEU B 362 1.48 24.05 -13.75
N LYS B 363 2.70 24.16 -14.26
CA LYS B 363 2.91 24.18 -15.72
C LYS B 363 2.48 22.88 -16.38
N THR B 364 2.51 21.78 -15.62
CA THR B 364 2.06 20.47 -16.11
C THR B 364 0.60 20.52 -16.55
N PHE B 365 -0.22 21.25 -15.80
CA PHE B 365 -1.68 21.31 -16.03
C PHE B 365 -2.15 22.61 -16.68
N MET B 366 -1.39 23.68 -16.50
CA MET B 366 -1.74 24.95 -17.12
C MET B 366 -1.21 24.98 -18.54
N ASN B 367 -2.01 24.47 -19.45
CA ASN B 367 -1.66 24.40 -20.86
C ASN B 367 -2.90 24.49 -21.74
N ASN B 368 -2.69 24.52 -23.04
CA ASN B 368 -3.79 24.61 -24.01
C ASN B 368 -4.22 23.23 -24.53
N LYS B 369 -3.82 22.17 -23.85
CA LYS B 369 -4.22 20.80 -24.23
C LYS B 369 -5.71 20.62 -23.96
N ILE B 370 -6.46 20.19 -24.98
CA ILE B 370 -7.91 20.06 -24.89
C ILE B 370 -8.32 18.59 -24.73
N ASN B 371 -9.00 18.31 -23.62
CA ASN B 371 -9.38 16.95 -23.23
C ASN B 371 -10.55 16.42 -24.06
N GLN B 372 -10.48 15.14 -24.44
CA GLN B 372 -11.58 14.45 -25.14
C GLN B 372 -12.04 13.25 -24.30
N TYR C 10 -31.11 27.42 -40.20
CA TYR C 10 -30.05 26.72 -39.40
C TYR C 10 -30.65 25.66 -38.49
N ARG C 11 -30.24 24.41 -38.66
CA ARG C 11 -30.70 23.31 -37.80
C ARG C 11 -29.68 22.87 -36.77
N ASN C 12 -28.45 23.37 -36.88
CA ASN C 12 -27.39 23.05 -35.92
C ASN C 12 -26.29 24.11 -35.94
N LEU C 13 -25.33 23.99 -35.03
CA LEU C 13 -24.25 24.98 -34.93
C LEU C 13 -23.35 25.01 -36.16
N PHE C 14 -23.17 23.88 -36.82
CA PHE C 14 -22.33 23.83 -38.03
C PHE C 14 -23.03 24.45 -39.24
N ASP C 15 -24.36 24.38 -39.28
CA ASP C 15 -25.15 25.14 -40.25
C ASP C 15 -24.89 26.64 -40.09
N LYS C 16 -24.89 27.11 -38.84
CA LYS C 16 -24.66 28.52 -38.55
C LYS C 16 -23.19 28.91 -38.79
N LEU C 17 -22.27 28.00 -38.49
CA LEU C 17 -20.84 28.26 -38.70
C LEU C 17 -20.49 28.39 -40.18
N LYS C 18 -21.34 27.86 -41.07
CA LYS C 18 -21.15 28.02 -42.51
C LYS C 18 -21.13 29.49 -42.91
N ASP C 19 -22.10 30.24 -42.37
CA ASP C 19 -22.28 31.65 -42.70
C ASP C 19 -21.32 32.58 -41.96
N GLY C 20 -20.82 32.15 -40.81
CA GLY C 20 -19.92 32.99 -40.02
C GLY C 20 -19.73 32.52 -38.60
N PRO C 21 -18.92 33.26 -37.83
CA PRO C 21 -18.60 32.85 -36.47
C PRO C 21 -19.80 32.93 -35.53
N LEU C 22 -19.77 32.11 -34.48
CA LEU C 22 -20.86 32.02 -33.52
C LEU C 22 -20.86 33.19 -32.55
N LYS C 23 -22.04 33.73 -32.29
CA LYS C 23 -22.21 34.84 -31.37
C LYS C 23 -22.47 34.36 -29.93
N ILE C 24 -21.59 34.75 -29.01
CA ILE C 24 -21.74 34.36 -27.60
C ILE C 24 -22.38 35.48 -26.78
N SER C 25 -23.31 35.12 -25.90
CA SER C 25 -23.96 36.09 -25.04
C SER C 25 -24.04 35.58 -23.61
N ILE C 26 -23.71 36.44 -22.66
CA ILE C 26 -23.74 36.10 -21.24
C ILE C 26 -24.91 36.80 -20.56
N LEU C 27 -25.62 36.07 -19.71
CA LEU C 27 -26.72 36.64 -18.92
C LEU C 27 -26.36 36.54 -17.45
N GLY C 28 -26.29 37.68 -16.77
CA GLY C 28 -25.98 37.72 -15.35
C GLY C 28 -24.93 38.76 -15.00
N SER C 29 -25.06 39.29 -13.79
CA SER C 29 -24.04 40.15 -13.20
C SER C 29 -23.81 39.63 -11.79
N GLY C 30 -22.56 39.70 -11.35
CA GLY C 30 -22.13 39.01 -10.13
C GLY C 30 -20.69 38.63 -10.31
N ASN C 31 -20.01 38.31 -9.21
CA ASN C 31 -18.57 38.08 -9.26
C ASN C 31 -18.21 36.93 -10.22
N TRP C 32 -18.99 35.85 -10.17
CA TRP C 32 -18.74 34.68 -11.02
C TRP C 32 -19.03 34.98 -12.48
N ALA C 33 -20.13 35.68 -12.74
CA ALA C 33 -20.47 36.08 -14.10
C ALA C 33 -19.41 37.01 -14.70
N SER C 34 -18.88 37.92 -13.90
CA SER C 34 -17.81 38.83 -14.32
C SER C 34 -16.51 38.07 -14.60
N ALA C 35 -16.16 37.15 -13.70
CA ALA C 35 -14.98 36.31 -13.84
C ALA C 35 -15.08 35.43 -15.09
N ILE C 36 -16.28 34.94 -15.38
CA ILE C 36 -16.51 34.12 -16.57
C ILE C 36 -16.43 34.96 -17.84
N SER C 37 -16.90 36.20 -17.78
CA SER C 37 -16.80 37.12 -18.92
C SER C 37 -15.35 37.28 -19.36
N LYS C 38 -14.44 37.27 -18.39
CA LYS C 38 -13.01 37.32 -18.69
C LYS C 38 -12.57 36.09 -19.47
N VAL C 39 -13.02 34.91 -19.03
CA VAL C 39 -12.70 33.65 -19.68
C VAL C 39 -13.30 33.61 -21.09
N VAL C 40 -14.60 33.87 -21.17
CA VAL C 40 -15.34 33.84 -22.43
C VAL C 40 -14.84 34.91 -23.42
N GLY C 41 -14.62 36.12 -22.91
CA GLY C 41 -14.09 37.22 -23.72
C GLY C 41 -12.72 36.92 -24.31
N THR C 42 -11.88 36.22 -23.55
CA THR C 42 -10.56 35.81 -24.03
C THR C 42 -10.69 34.86 -25.22
N ASN C 43 -11.43 33.76 -25.03
CA ASN C 43 -11.63 32.76 -26.09
C ASN C 43 -12.35 33.32 -27.31
N ALA C 44 -13.35 34.17 -27.06
CA ALA C 44 -14.09 34.80 -28.15
C ALA C 44 -13.16 35.59 -29.08
N LYS C 45 -12.18 36.25 -28.49
CA LYS C 45 -11.17 37.01 -29.22
C LYS C 45 -10.18 36.07 -29.91
N ASN C 46 -9.61 35.14 -29.13
CA ASN C 46 -8.57 34.20 -29.63
C ASN C 46 -9.04 33.18 -30.64
N ASN C 47 -10.30 32.78 -30.57
CA ASN C 47 -10.83 31.70 -31.40
C ASN C 47 -11.55 32.23 -32.64
N TYR C 48 -11.19 31.67 -33.79
CA TYR C 48 -11.75 32.06 -35.07
C TYR C 48 -13.22 31.66 -35.23
N LEU C 49 -13.64 30.62 -34.50
CA LEU C 49 -15.02 30.15 -34.59
C LEU C 49 -16.01 31.11 -33.92
N PHE C 50 -15.53 31.91 -32.96
CA PHE C 50 -16.40 32.81 -32.19
C PHE C 50 -16.24 34.26 -32.63
N GLU C 51 -17.37 34.96 -32.70
CA GLU C 51 -17.40 36.41 -32.90
C GLU C 51 -16.73 37.07 -31.72
N ASN C 52 -15.85 38.02 -31.99
CA ASN C 52 -15.07 38.67 -30.94
C ASN C 52 -15.91 39.35 -29.87
N GLU C 53 -16.96 40.05 -30.29
CA GLU C 53 -17.82 40.75 -29.36
C GLU C 53 -18.68 39.76 -28.58
N VAL C 54 -18.55 39.80 -27.27
CA VAL C 54 -19.40 39.01 -26.37
C VAL C 54 -20.35 39.98 -25.68
N ARG C 55 -21.62 39.92 -26.03
CA ARG C 55 -22.63 40.76 -25.38
C ARG C 55 -23.01 40.18 -24.04
N MET C 56 -23.11 41.06 -23.04
CA MET C 56 -23.42 40.62 -21.68
C MET C 56 -24.59 41.41 -21.13
N TRP C 57 -25.65 40.70 -20.73
CA TRP C 57 -26.79 41.33 -20.07
C TRP C 57 -26.54 41.43 -18.57
N ILE C 58 -26.60 42.64 -18.04
CA ILE C 58 -26.42 42.85 -16.60
C ILE C 58 -27.65 43.53 -16.01
N ARG C 59 -27.92 43.26 -14.74
CA ARG C 59 -29.00 43.92 -14.01
C ARG C 59 -28.67 45.40 -13.88
N ASP C 60 -29.72 46.21 -13.75
CA ASP C 60 -29.58 47.66 -13.79
C ASP C 60 -29.17 48.24 -12.43
N GLU C 61 -27.94 47.95 -12.02
CA GLU C 61 -27.40 48.42 -10.75
C GLU C 61 -26.48 49.62 -10.95
N PHE C 62 -25.88 50.10 -9.86
CA PHE C 62 -25.01 51.27 -9.89
C PHE C 62 -23.68 51.03 -9.15
N GLU C 66 -23.30 56.30 -10.42
CA GLU C 66 -22.65 55.72 -11.61
C GLU C 66 -23.23 54.34 -11.94
N ARG C 67 -23.72 54.19 -13.17
CA ARG C 67 -24.46 52.98 -13.58
C ARG C 67 -23.57 51.88 -14.14
N MET C 68 -23.90 50.64 -13.77
CA MET C 68 -23.03 49.48 -13.98
C MET C 68 -22.70 49.19 -15.44
N VAL C 69 -23.69 49.35 -16.32
CA VAL C 69 -23.50 49.08 -17.75
C VAL C 69 -22.39 49.96 -18.33
N ASP C 70 -22.40 51.23 -17.93
CA ASP C 70 -21.42 52.21 -18.44
C ASP C 70 -20.03 51.96 -17.86
N ILE C 71 -19.98 51.51 -16.60
CA ILE C 71 -18.70 51.21 -15.95
C ILE C 71 -17.96 50.12 -16.73
N ILE C 72 -18.68 49.04 -17.02
CA ILE C 72 -18.11 47.92 -17.80
C ILE C 72 -17.71 48.36 -19.20
N ASN C 73 -18.59 49.08 -19.88
CA ASN C 73 -18.32 49.51 -21.25
C ASN C 73 -17.19 50.52 -21.36
N ASN C 74 -17.03 51.37 -20.34
CA ASN C 74 -16.02 52.44 -20.38
C ASN C 74 -14.75 52.12 -19.59
N LYS C 75 -14.92 51.72 -18.33
CA LYS C 75 -13.79 51.40 -17.47
C LYS C 75 -13.33 49.93 -17.57
N HIS C 76 -14.14 49.10 -18.24
CA HIS C 76 -13.82 47.68 -18.49
C HIS C 76 -13.40 46.94 -17.22
N GLU C 77 -14.27 47.04 -16.21
CA GLU C 77 -14.06 46.42 -14.92
C GLU C 77 -15.39 46.41 -14.18
N ASN C 78 -15.69 45.31 -13.49
CA ASN C 78 -16.87 45.29 -12.64
C ASN C 78 -16.49 45.75 -11.25
N THR C 79 -16.55 47.06 -11.05
CA THR C 79 -16.09 47.71 -9.82
C THR C 79 -16.92 47.36 -8.59
N LYS C 80 -18.11 46.80 -8.80
CA LYS C 80 -18.96 46.36 -7.71
C LYS C 80 -18.64 44.93 -7.27
N TYR C 81 -18.73 43.99 -8.21
CA TYR C 81 -18.66 42.56 -7.90
C TYR C 81 -17.30 41.91 -8.13
N LEU C 82 -16.53 42.44 -9.05
CA LEU C 82 -15.20 41.90 -9.33
C LEU C 82 -14.20 43.05 -9.37
N LYS C 83 -14.14 43.78 -8.26
CA LYS C 83 -13.32 44.98 -8.14
C LYS C 83 -11.84 44.66 -8.32
N GLY C 84 -11.16 45.44 -9.15
CA GLY C 84 -9.72 45.32 -9.33
C GLY C 84 -9.26 44.48 -10.52
N VAL C 85 -10.15 43.64 -11.03
CA VAL C 85 -9.83 42.76 -12.16
C VAL C 85 -10.23 43.42 -13.48
N PRO C 86 -9.25 43.80 -14.33
CA PRO C 86 -9.60 44.25 -15.67
C PRO C 86 -10.29 43.19 -16.54
N LEU C 87 -11.45 43.55 -17.09
CA LEU C 87 -12.17 42.67 -18.02
C LEU C 87 -11.74 42.96 -19.45
N PRO C 88 -11.82 41.94 -20.32
CA PRO C 88 -11.51 42.16 -21.74
C PRO C 88 -12.47 43.15 -22.39
N HIS C 89 -11.92 44.02 -23.26
CA HIS C 89 -12.69 45.13 -23.83
C HIS C 89 -13.76 44.68 -24.81
N ASN C 90 -13.69 43.43 -25.29
CA ASN C 90 -14.73 42.88 -26.17
C ASN C 90 -16.01 42.44 -25.45
N ILE C 91 -16.03 42.53 -24.12
CA ILE C 91 -17.27 42.39 -23.37
C ILE C 91 -18.06 43.70 -23.46
N VAL C 92 -19.28 43.62 -23.99
CA VAL C 92 -20.15 44.77 -24.19
C VAL C 92 -21.44 44.59 -23.39
N ALA C 93 -21.61 45.39 -22.34
CA ALA C 93 -22.80 45.28 -21.50
C ALA C 93 -24.00 45.99 -22.14
N HIS C 94 -25.17 45.38 -22.01
CA HIS C 94 -26.43 46.02 -22.35
C HIS C 94 -27.37 45.87 -21.17
N SER C 95 -28.29 46.81 -21.01
CA SER C 95 -29.27 46.76 -19.91
C SER C 95 -30.54 45.99 -20.27
N ASP C 96 -30.72 45.65 -21.54
CA ASP C 96 -31.97 45.04 -22.00
C ASP C 96 -31.72 43.66 -22.61
N LEU C 97 -32.64 42.72 -22.34
CA LEU C 97 -32.48 41.34 -22.77
C LEU C 97 -32.41 41.21 -24.31
N ALA C 98 -33.23 41.96 -25.03
CA ALA C 98 -33.34 41.80 -26.49
C ALA C 98 -32.04 42.11 -27.25
N SER C 99 -31.28 43.09 -26.77
CA SER C 99 -30.02 43.48 -27.41
C SER C 99 -28.88 42.48 -27.14
N VAL C 100 -29.12 41.54 -26.24
CA VAL C 100 -28.15 40.51 -25.87
C VAL C 100 -28.55 39.14 -26.42
N ILE C 101 -29.83 38.79 -26.29
CA ILE C 101 -30.32 37.46 -26.65
C ILE C 101 -30.52 37.32 -28.15
N ASN C 102 -31.05 38.36 -28.79
CA ASN C 102 -31.37 38.27 -30.21
C ASN C 102 -30.13 38.01 -31.07
N ASP C 103 -30.25 37.06 -31.99
CA ASP C 103 -29.17 36.70 -32.90
C ASP C 103 -28.00 35.96 -32.23
N ALA C 104 -28.17 35.61 -30.95
CA ALA C 104 -27.13 34.91 -30.22
C ALA C 104 -27.20 33.40 -30.51
N ASP C 105 -26.03 32.80 -30.74
CA ASP C 105 -25.91 31.39 -31.03
C ASP C 105 -25.63 30.58 -29.76
N LEU C 106 -24.94 31.19 -28.80
CA LEU C 106 -24.55 30.51 -27.57
C LEU C 106 -24.94 31.39 -26.38
N LEU C 107 -25.86 30.89 -25.55
CA LEU C 107 -26.41 31.66 -24.44
C LEU C 107 -25.92 31.12 -23.12
N ILE C 108 -25.06 31.89 -22.45
CA ILE C 108 -24.50 31.48 -21.18
C ILE C 108 -25.33 32.08 -20.06
N PHE C 109 -26.14 31.25 -19.40
CA PHE C 109 -26.96 31.69 -18.26
C PHE C 109 -26.18 31.62 -16.96
N ILE C 110 -25.89 32.77 -16.37
CA ILE C 110 -25.22 32.84 -15.06
C ILE C 110 -26.06 33.67 -14.10
N VAL C 111 -27.38 33.48 -14.15
CA VAL C 111 -28.31 34.24 -13.31
C VAL C 111 -28.58 33.44 -12.04
N PRO C 112 -28.62 34.12 -10.87
CA PRO C 112 -28.93 33.37 -9.66
C PRO C 112 -30.34 32.83 -9.72
N CYS C 113 -30.57 31.63 -9.21
CA CYS C 113 -31.91 31.02 -9.27
C CYS C 113 -32.97 31.80 -8.48
N GLN C 114 -32.51 32.69 -7.60
CA GLN C 114 -33.38 33.67 -6.96
C GLN C 114 -34.03 34.63 -7.98
N TYR C 115 -33.45 34.72 -9.18
CA TYR C 115 -33.98 35.55 -10.26
C TYR C 115 -34.24 34.81 -11.58
N LEU C 116 -33.92 33.52 -11.64
CA LEU C 116 -33.93 32.80 -12.93
C LEU C 116 -35.31 32.73 -13.58
N GLU C 117 -36.34 32.54 -12.77
CA GLU C 117 -37.72 32.42 -13.28
C GLU C 117 -38.22 33.71 -13.95
N SER C 118 -37.97 34.85 -13.31
CA SER C 118 -38.38 36.15 -13.88
C SER C 118 -37.66 36.43 -15.20
N VAL C 119 -36.36 36.13 -15.26
CA VAL C 119 -35.57 36.35 -16.48
C VAL C 119 -36.10 35.49 -17.61
N LEU C 120 -36.25 34.18 -17.35
CA LEU C 120 -36.80 33.25 -18.35
C LEU C 120 -38.20 33.67 -18.80
N ALA C 121 -39.02 34.11 -17.84
CA ALA C 121 -40.37 34.59 -18.12
C ALA C 121 -40.35 35.82 -19.05
N SER C 122 -39.45 36.76 -18.77
CA SER C 122 -39.31 37.97 -19.57
C SER C 122 -38.91 37.66 -21.00
N ILE C 123 -38.04 36.67 -21.17
CA ILE C 123 -37.60 36.24 -22.50
C ILE C 123 -38.76 35.65 -23.30
N LYS C 124 -39.65 34.92 -22.61
CA LYS C 124 -40.79 34.27 -23.26
C LYS C 124 -41.86 35.24 -23.81
N GLU C 125 -41.76 36.54 -23.52
CA GLU C 125 -42.74 37.55 -24.03
C GLU C 125 -42.24 38.28 -25.28
N ILE C 129 -37.69 40.07 -28.54
CA ILE C 129 -36.82 38.98 -28.08
C ILE C 129 -37.17 37.66 -28.74
N LYS C 130 -36.30 37.18 -29.64
CA LYS C 130 -36.48 35.87 -30.24
C LYS C 130 -35.21 35.03 -30.08
N ILE C 131 -35.37 33.86 -29.47
CA ILE C 131 -34.27 32.90 -29.38
C ILE C 131 -34.19 32.11 -30.67
N ALA C 132 -33.01 32.05 -31.26
CA ALA C 132 -32.79 31.28 -32.48
C ALA C 132 -33.01 29.78 -32.21
N SER C 133 -33.62 29.10 -33.18
CA SER C 133 -33.97 27.69 -33.01
C SER C 133 -32.75 26.78 -32.85
N HIS C 134 -31.67 27.12 -33.55
CA HIS C 134 -30.40 26.38 -33.48
C HIS C 134 -29.54 26.73 -32.26
N ALA C 135 -29.98 27.74 -31.49
CA ALA C 135 -29.20 28.23 -30.36
C ALA C 135 -29.01 27.14 -29.30
N LYS C 136 -27.84 27.16 -28.67
CA LYS C 136 -27.52 26.28 -27.56
C LYS C 136 -27.35 27.12 -26.29
N ALA C 137 -27.73 26.56 -25.14
CA ALA C 137 -27.59 27.25 -23.87
C ALA C 137 -26.72 26.45 -22.91
N ILE C 138 -26.26 27.13 -21.86
CA ILE C 138 -25.52 26.50 -20.79
C ILE C 138 -25.78 27.21 -19.46
N SER C 139 -25.94 26.44 -18.39
CA SER C 139 -26.19 27.01 -17.07
C SER C 139 -24.92 26.95 -16.24
N LEU C 140 -24.55 28.09 -15.66
CA LEU C 140 -23.34 28.20 -14.84
C LEU C 140 -23.64 28.46 -13.37
N THR C 141 -24.92 28.54 -13.04
CA THR C 141 -25.33 28.87 -11.69
C THR C 141 -25.60 27.61 -10.86
N LYS C 142 -24.87 27.47 -9.76
CA LYS C 142 -25.03 26.34 -8.85
C LYS C 142 -26.27 26.56 -7.99
N GLY C 143 -27.19 25.60 -8.00
CA GLY C 143 -28.41 25.68 -7.21
C GLY C 143 -29.55 24.89 -7.81
N PHE C 144 -30.77 25.41 -7.62
CA PHE C 144 -31.97 24.75 -8.11
C PHE C 144 -33.16 25.71 -8.15
N ILE C 145 -34.23 25.26 -8.80
CA ILE C 145 -35.49 26.00 -8.87
C ILE C 145 -36.57 25.12 -8.24
N VAL C 146 -37.42 25.74 -7.41
CA VAL C 146 -38.52 25.01 -6.75
C VAL C 146 -39.80 25.12 -7.57
N LYS C 147 -40.37 23.98 -7.92
CA LYS C 147 -41.65 23.92 -8.63
C LYS C 147 -42.57 22.90 -7.96
N LYS C 148 -43.60 23.41 -7.27
CA LYS C 148 -44.56 22.58 -6.52
C LYS C 148 -43.84 21.78 -5.43
N ASN C 149 -43.06 22.51 -4.61
CA ASN C 149 -42.23 21.94 -3.53
C ASN C 149 -41.25 20.84 -3.97
N GLN C 150 -41.00 20.75 -5.28
CA GLN C 150 -40.06 19.79 -5.85
C GLN C 150 -38.84 20.52 -6.38
N MET C 151 -37.71 19.84 -6.37
CA MET C 151 -36.42 20.42 -6.77
C MET C 151 -36.21 20.18 -8.27
N LYS C 152 -36.13 21.27 -9.03
CA LYS C 152 -35.82 21.17 -10.46
C LYS C 152 -34.45 21.78 -10.74
N LEU C 153 -33.61 21.03 -11.45
CA LEU C 153 -32.25 21.46 -11.78
C LEU C 153 -32.28 22.50 -12.90
N CYS C 154 -31.34 23.46 -12.83
CA CYS C 154 -31.39 24.64 -13.69
C CYS C 154 -31.34 24.37 -15.19
N SER C 155 -30.38 23.56 -15.63
CA SER C 155 -30.24 23.29 -17.06
C SER C 155 -31.54 22.69 -17.60
N ASN C 156 -32.12 21.76 -16.85
CA ASN C 156 -33.41 21.16 -17.21
C ASN C 156 -34.52 22.22 -17.29
N TYR C 157 -34.56 23.08 -16.27
CA TYR C 157 -35.59 24.11 -16.19
C TYR C 157 -35.48 25.10 -17.34
N ILE C 158 -34.25 25.57 -17.60
CA ILE C 158 -33.98 26.48 -18.71
C ILE C 158 -34.37 25.81 -20.03
N SER C 159 -33.98 24.54 -20.18
CA SER C 159 -34.22 23.80 -21.42
C SER C 159 -35.70 23.54 -21.68
N ASP C 160 -36.50 23.45 -20.61
CA ASP C 160 -37.95 23.24 -20.74
C ASP C 160 -38.71 24.55 -20.93
N PHE C 161 -38.32 25.57 -20.16
CA PHE C 161 -39.02 26.86 -20.18
C PHE C 161 -38.84 27.54 -21.54
N LEU C 162 -37.58 27.71 -21.94
CA LEU C 162 -37.25 28.00 -23.34
C LEU C 162 -37.23 26.62 -23.98
N ASN C 163 -37.02 26.54 -25.29
CA ASN C 163 -37.08 25.24 -25.96
C ASN C 163 -35.75 24.88 -26.63
N ILE C 164 -34.66 25.06 -25.91
CA ILE C 164 -33.34 24.82 -26.46
C ILE C 164 -32.52 23.89 -25.57
N PRO C 165 -31.56 23.15 -26.16
CA PRO C 165 -30.69 22.30 -25.36
C PRO C 165 -29.94 23.14 -24.35
N CYS C 166 -29.80 22.65 -23.12
CA CYS C 166 -29.05 23.38 -22.11
C CYS C 166 -28.03 22.51 -21.39
N SER C 167 -26.76 22.84 -21.58
CA SER C 167 -25.67 22.15 -20.90
C SER C 167 -25.49 22.76 -19.52
N ALA C 168 -24.56 22.21 -18.74
CA ALA C 168 -24.31 22.71 -17.39
C ALA C 168 -22.81 22.76 -17.11
N LEU C 169 -22.36 23.86 -16.52
CA LEU C 169 -20.95 24.00 -16.15
C LEU C 169 -20.86 24.20 -14.65
N SER C 170 -20.05 23.36 -14.01
CA SER C 170 -19.75 23.50 -12.59
C SER C 170 -18.33 22.99 -12.35
N GLY C 171 -17.65 23.58 -11.37
CA GLY C 171 -16.29 23.16 -11.07
C GLY C 171 -15.80 23.69 -9.73
N ALA C 172 -14.62 23.24 -9.33
CA ALA C 172 -13.96 23.75 -8.12
C ALA C 172 -13.49 25.17 -8.39
N ASN C 173 -14.46 26.09 -8.41
CA ASN C 173 -14.26 27.45 -8.87
C ASN C 173 -14.61 28.47 -7.80
N ILE C 174 -13.71 29.41 -7.59
CA ILE C 174 -13.96 30.59 -6.77
C ILE C 174 -13.72 31.77 -7.69
N ALA C 175 -14.76 32.59 -7.87
CA ALA C 175 -14.73 33.70 -8.81
C ALA C 175 -13.37 34.38 -8.92
N MET C 176 -12.81 34.77 -7.77
CA MET C 176 -11.59 35.55 -7.75
C MET C 176 -10.37 34.76 -8.22
N ASP C 177 -10.26 33.50 -7.80
CA ASP C 177 -9.16 32.63 -8.21
C ASP C 177 -9.10 32.51 -9.73
N VAL C 178 -10.26 32.31 -10.35
CA VAL C 178 -10.36 32.22 -11.81
C VAL C 178 -10.05 33.57 -12.45
N ALA C 179 -10.69 34.62 -11.93
CA ALA C 179 -10.45 35.99 -12.38
C ALA C 179 -8.98 36.39 -12.30
N MET C 180 -8.30 35.92 -11.26
CA MET C 180 -6.88 36.21 -11.05
C MET C 180 -5.94 35.22 -11.76
N GLU C 181 -6.50 34.43 -12.67
CA GLU C 181 -5.75 33.51 -13.55
C GLU C 181 -4.98 32.41 -12.83
N ASN C 182 -5.50 32.00 -11.67
CA ASN C 182 -4.99 30.84 -10.96
C ASN C 182 -5.55 29.57 -11.53
N PHE C 183 -4.74 28.51 -11.50
CA PHE C 183 -5.13 27.24 -12.09
C PHE C 183 -6.42 26.69 -11.47
N SER C 184 -7.44 26.59 -12.31
CA SER C 184 -8.73 26.05 -11.93
C SER C 184 -9.22 25.10 -13.01
N GLU C 185 -10.16 24.24 -12.65
CA GLU C 185 -10.80 23.33 -13.59
C GLU C 185 -12.30 23.48 -13.51
N ALA C 186 -12.99 22.99 -14.52
CA ALA C 186 -14.44 22.92 -14.50
C ALA C 186 -14.94 21.75 -15.34
N THR C 187 -16.17 21.34 -15.04
CA THR C 187 -16.79 20.19 -15.68
C THR C 187 -17.99 20.68 -16.44
N ILE C 188 -18.03 20.40 -17.74
CA ILE C 188 -19.21 20.70 -18.54
C ILE C 188 -19.99 19.41 -18.80
N GLY C 189 -21.24 19.38 -18.32
CA GLY C 189 -22.15 18.28 -18.55
C GLY C 189 -23.12 18.66 -19.64
N GLY C 190 -23.44 17.72 -20.51
CA GLY C 190 -24.34 17.99 -21.62
C GLY C 190 -24.78 16.76 -22.36
N ASN C 191 -26.08 16.66 -22.61
CA ASN C 191 -26.69 15.53 -23.31
C ASN C 191 -26.53 15.65 -24.84
N ASP C 192 -26.15 16.84 -25.30
CA ASP C 192 -25.92 17.12 -26.73
C ASP C 192 -24.40 17.13 -27.01
N LYS C 193 -23.93 16.13 -27.76
CA LYS C 193 -22.49 15.98 -28.04
C LYS C 193 -21.92 17.11 -28.92
N ASP C 194 -22.73 17.61 -29.85
CA ASP C 194 -22.32 18.71 -30.74
C ASP C 194 -22.21 20.05 -29.99
N SER C 195 -22.96 20.17 -28.88
CA SER C 195 -22.83 21.34 -28.00
C SER C 195 -21.53 21.30 -27.21
N LEU C 196 -21.20 20.12 -26.67
CA LEU C 196 -20.05 19.97 -25.77
C LEU C 196 -18.74 20.39 -26.42
N VAL C 197 -18.55 19.98 -27.68
CA VAL C 197 -17.34 20.34 -28.42
C VAL C 197 -17.11 21.85 -28.43
N ILE C 198 -18.20 22.60 -28.64
CA ILE C 198 -18.14 24.05 -28.73
C ILE C 198 -18.01 24.71 -27.36
N TRP C 199 -18.88 24.32 -26.42
CA TRP C 199 -18.82 24.87 -25.07
C TRP C 199 -17.43 24.72 -24.44
N GLN C 200 -16.78 23.59 -24.72
CA GLN C 200 -15.43 23.38 -24.23
C GLN C 200 -14.48 24.46 -24.75
N ARG C 201 -14.65 24.87 -26.00
CA ARG C 201 -13.80 25.90 -26.62
C ARG C 201 -14.13 27.31 -26.12
N VAL C 202 -15.40 27.54 -25.80
CA VAL C 202 -15.83 28.80 -25.22
C VAL C 202 -15.11 29.05 -23.88
N PHE C 203 -14.91 27.99 -23.10
CA PHE C 203 -14.47 28.13 -21.72
C PHE C 203 -13.03 27.73 -21.44
N ASP C 204 -12.48 26.78 -22.19
CA ASP C 204 -11.15 26.27 -21.87
C ASP C 204 -10.06 27.33 -22.08
N LEU C 205 -9.31 27.57 -21.01
CA LEU C 205 -8.09 28.36 -21.04
C LEU C 205 -7.06 27.63 -20.18
N PRO C 206 -5.77 27.98 -20.33
CA PRO C 206 -4.75 27.34 -19.49
C PRO C 206 -5.03 27.38 -17.99
N TYR C 207 -5.64 28.45 -17.50
CA TYR C 207 -5.97 28.58 -16.07
C TYR C 207 -7.40 28.12 -15.74
N PHE C 208 -8.09 27.57 -16.74
CA PHE C 208 -9.48 27.13 -16.57
C PHE C 208 -9.74 25.92 -17.47
N LYS C 209 -9.29 24.75 -17.02
CA LYS C 209 -9.32 23.53 -17.82
C LYS C 209 -10.68 22.83 -17.76
N ILE C 210 -11.17 22.39 -18.92
CA ILE C 210 -12.53 21.87 -19.04
C ILE C 210 -12.57 20.39 -19.41
N ASN C 211 -13.29 19.62 -18.58
CA ASN C 211 -13.63 18.24 -18.89
C ASN C 211 -15.11 18.12 -19.22
N CYS C 212 -15.42 17.40 -20.28
CA CYS C 212 -16.80 17.19 -20.68
C CYS C 212 -17.30 15.82 -20.25
N VAL C 213 -18.54 15.78 -19.80
CA VAL C 213 -19.27 14.54 -19.53
C VAL C 213 -20.61 14.61 -20.25
N ASN C 214 -21.28 13.48 -20.41
CA ASN C 214 -22.48 13.40 -21.27
C ASN C 214 -23.82 13.55 -20.54
N GLU C 215 -23.80 14.13 -19.34
CA GLU C 215 -25.00 14.30 -18.55
C GLU C 215 -24.90 15.52 -17.63
N THR C 216 -26.05 16.17 -17.40
CA THR C 216 -26.12 17.38 -16.57
C THR C 216 -26.53 17.12 -15.13
N ILE C 217 -27.29 16.04 -14.89
CA ILE C 217 -27.87 15.77 -13.56
C ILE C 217 -26.83 15.76 -12.42
N GLU C 218 -25.78 14.96 -12.58
CA GLU C 218 -24.76 14.82 -11.52
C GLU C 218 -24.03 16.14 -11.28
N VAL C 219 -23.59 16.76 -12.39
CA VAL C 219 -22.88 18.05 -12.36
C VAL C 219 -23.66 19.10 -11.54
N GLU C 220 -24.97 19.17 -11.76
CA GLU C 220 -25.82 20.18 -11.11
C GLU C 220 -26.22 19.85 -9.67
N ILE C 221 -26.40 18.56 -9.40
CA ILE C 221 -26.69 18.09 -8.04
C ILE C 221 -25.49 18.37 -7.12
N CYS C 222 -24.29 18.16 -7.64
CA CYS C 222 -23.07 18.46 -6.89
C CYS C 222 -23.01 19.93 -6.51
N GLY C 223 -23.18 20.81 -7.50
CA GLY C 223 -23.14 22.25 -7.29
C GLY C 223 -24.20 22.72 -6.31
N ALA C 224 -25.35 22.07 -6.34
CA ALA C 224 -26.45 22.40 -5.42
C ALA C 224 -26.18 21.86 -4.01
N LEU C 225 -26.04 20.54 -3.90
CA LEU C 225 -26.01 19.87 -2.61
C LEU C 225 -24.67 19.98 -1.86
N LYS C 226 -23.60 20.39 -2.55
CA LYS C 226 -22.31 20.58 -1.87
C LYS C 226 -22.44 21.53 -0.67
N ASN C 227 -23.42 22.43 -0.74
CA ASN C 227 -23.65 23.42 0.30
C ASN C 227 -24.11 22.80 1.61
N ILE C 228 -24.87 21.70 1.52
CA ILE C 228 -25.26 20.92 2.71
C ILE C 228 -24.01 20.31 3.34
N ILE C 229 -23.10 19.80 2.51
CA ILE C 229 -21.83 19.23 2.98
C ILE C 229 -20.95 20.30 3.61
N THR C 230 -20.94 21.50 3.02
CA THR C 230 -20.22 22.64 3.60
C THR C 230 -20.82 23.06 4.94
N LEU C 231 -22.16 23.02 5.01
CA LEU C 231 -22.90 23.31 6.25
C LEU C 231 -22.50 22.32 7.34
N ALA C 232 -22.42 21.04 6.96
CA ALA C 232 -22.01 19.98 7.87
C ALA C 232 -20.58 20.20 8.36
N CYS C 233 -19.69 20.58 7.45
CA CYS C 233 -18.31 20.87 7.81
C CYS C 233 -18.23 21.95 8.85
N GLY C 234 -19.00 23.02 8.63
CA GLY C 234 -19.08 24.11 9.60
C GLY C 234 -19.51 23.61 10.96
N PHE C 235 -20.57 22.80 10.99
CA PHE C 235 -21.04 22.18 12.23
C PHE C 235 -19.91 21.43 12.95
N CYS C 236 -19.08 20.72 12.18
CA CYS C 236 -17.94 19.99 12.74
C CYS C 236 -16.89 20.93 13.31
N ASP C 237 -16.56 21.98 12.56
CA ASP C 237 -15.63 23.00 13.02
C ASP C 237 -16.14 23.64 14.32
N GLY C 238 -17.41 24.05 14.31
CA GLY C 238 -18.05 24.65 15.47
C GLY C 238 -18.08 23.76 16.70
N LEU C 239 -18.28 22.46 16.49
CA LEU C 239 -18.26 21.48 17.58
C LEU C 239 -16.85 21.05 17.98
N ASN C 240 -15.84 21.60 17.32
CA ASN C 240 -14.43 21.30 17.59
C ASN C 240 -14.10 19.82 17.41
N LEU C 241 -14.72 19.20 16.41
CA LEU C 241 -14.52 17.77 16.15
C LEU C 241 -13.19 17.52 15.45
N PRO C 242 -12.53 16.38 15.78
CA PRO C 242 -11.30 16.03 15.07
C PRO C 242 -11.54 15.66 13.61
N THR C 243 -10.46 15.67 12.83
CA THR C 243 -10.53 15.48 11.38
C THR C 243 -11.09 14.11 10.99
N ASN C 244 -10.68 13.06 11.70
CA ASN C 244 -11.27 11.74 11.54
C ASN C 244 -12.80 11.82 11.49
N SER C 245 -13.37 12.57 12.43
CA SER C 245 -14.82 12.71 12.56
C SER C 245 -15.42 13.59 11.46
N LYS C 246 -14.74 14.69 11.14
CA LYS C 246 -15.18 15.59 10.08
C LYS C 246 -15.18 14.90 8.71
N SER C 247 -14.11 14.17 8.43
CA SER C 247 -13.99 13.42 7.18
C SER C 247 -15.07 12.34 7.07
N ALA C 248 -15.42 11.74 8.20
CA ALA C 248 -16.49 10.75 8.23
C ALA C 248 -17.82 11.39 7.83
N ILE C 249 -18.11 12.55 8.44
CA ILE C 249 -19.32 13.30 8.15
C ILE C 249 -19.38 13.69 6.67
N ILE C 250 -18.26 14.19 6.15
CA ILE C 250 -18.16 14.59 4.75
C ILE C 250 -18.46 13.39 3.83
N ARG C 251 -17.84 12.26 4.13
CA ARG C 251 -18.05 11.04 3.35
C ARG C 251 -19.52 10.67 3.30
N ASN C 252 -20.17 10.69 4.46
CA ASN C 252 -21.59 10.35 4.54
C ASN C 252 -22.46 11.35 3.78
N GLY C 253 -22.12 12.64 3.89
CA GLY C 253 -22.77 13.68 3.10
C GLY C 253 -22.67 13.44 1.60
N ILE C 254 -21.50 13.00 1.14
CA ILE C 254 -21.29 12.71 -0.27
C ILE C 254 -22.16 11.55 -0.72
N ASN C 255 -22.18 10.49 0.08
CA ASN C 255 -22.96 9.31 -0.25
C ASN C 255 -24.48 9.57 -0.21
N GLU C 256 -24.91 10.40 0.73
CA GLU C 256 -26.31 10.82 0.79
C GLU C 256 -26.67 11.74 -0.37
N MET C 257 -25.70 12.54 -0.84
CA MET C 257 -25.89 13.35 -2.04
C MET C 257 -26.08 12.47 -3.27
N ILE C 258 -25.28 11.41 -3.37
CA ILE C 258 -25.37 10.45 -4.47
C ILE C 258 -26.74 9.75 -4.44
N LEU C 259 -27.18 9.36 -3.24
CA LEU C 259 -28.45 8.67 -3.06
C LEU C 259 -29.62 9.58 -3.45
N PHE C 260 -29.55 10.83 -3.00
CA PHE C 260 -30.56 11.84 -3.36
C PHE C 260 -30.73 11.93 -4.87
N GLY C 261 -29.62 11.91 -5.60
CA GLY C 261 -29.65 11.94 -7.04
C GLY C 261 -30.30 10.70 -7.62
N LYS C 262 -29.85 9.54 -7.12
CA LYS C 262 -30.39 8.24 -7.57
C LYS C 262 -31.90 8.14 -7.36
N VAL C 263 -32.33 8.44 -6.14
CA VAL C 263 -33.75 8.32 -5.76
C VAL C 263 -34.62 9.33 -6.52
N PHE C 264 -34.29 10.61 -6.41
CA PHE C 264 -35.17 11.69 -6.89
C PHE C 264 -34.95 12.12 -8.34
N PHE C 265 -33.76 11.86 -8.89
CA PHE C 265 -33.48 12.18 -10.30
C PHE C 265 -33.11 10.96 -11.12
N GLN C 266 -33.55 9.78 -10.65
CA GLN C 266 -33.50 8.52 -11.40
C GLN C 266 -32.09 7.94 -11.65
N LYS C 267 -31.04 8.71 -11.38
CA LYS C 267 -29.67 8.25 -11.65
C LYS C 267 -28.61 9.13 -10.97
N PHE C 268 -27.47 8.51 -10.64
CA PHE C 268 -26.29 9.27 -10.27
C PHE C 268 -25.01 8.46 -10.53
N ASN C 269 -24.29 8.87 -11.57
CA ASN C 269 -22.99 8.31 -11.88
C ASN C 269 -21.97 8.77 -10.86
N GLU C 270 -21.47 7.84 -10.06
CA GLU C 270 -20.53 8.14 -8.98
C GLU C 270 -19.22 8.68 -9.51
N ASN C 271 -18.83 8.25 -10.71
CA ASN C 271 -17.61 8.72 -11.35
C ASN C 271 -17.53 10.24 -11.50
N ILE C 272 -18.68 10.90 -11.55
CA ILE C 272 -18.74 12.36 -11.63
C ILE C 272 -18.12 13.04 -10.39
N LEU C 273 -18.03 12.31 -9.27
CA LEU C 273 -17.27 12.80 -8.11
C LEU C 273 -15.78 12.95 -8.41
N LEU C 274 -15.30 12.19 -9.40
CA LEU C 274 -13.90 12.28 -9.84
C LEU C 274 -13.64 13.51 -10.73
N GLU C 275 -14.73 14.14 -11.18
CA GLU C 275 -14.65 15.38 -11.96
C GLU C 275 -14.55 16.61 -11.05
N SER C 276 -14.22 17.76 -11.65
CA SER C 276 -13.96 18.99 -10.89
C SER C 276 -15.19 19.48 -10.13
N CYS C 277 -16.37 19.26 -10.71
CA CYS C 277 -17.64 19.67 -10.09
C CYS C 277 -18.00 18.84 -8.86
N GLY C 278 -17.37 17.68 -8.72
CA GLY C 278 -17.64 16.77 -7.62
C GLY C 278 -16.71 16.97 -6.44
N PHE C 279 -15.91 15.95 -6.14
CA PHE C 279 -15.07 15.98 -4.94
C PHE C 279 -14.24 17.25 -4.78
N ALA C 280 -13.63 17.72 -5.88
CA ALA C 280 -12.76 18.90 -5.83
C ALA C 280 -13.50 20.14 -5.37
N ASP C 281 -14.69 20.36 -5.95
CA ASP C 281 -15.51 21.51 -5.60
C ASP C 281 -16.00 21.41 -4.16
N ILE C 282 -16.20 20.20 -3.67
CA ILE C 282 -16.64 20.00 -2.30
C ILE C 282 -15.55 20.43 -1.31
N ILE C 283 -14.31 20.00 -1.55
CA ILE C 283 -13.20 20.37 -0.67
C ILE C 283 -12.80 21.86 -0.81
N THR C 284 -12.92 22.41 -2.03
CA THR C 284 -12.68 23.85 -2.23
C THR C 284 -13.77 24.67 -1.53
N SER C 285 -15.00 24.15 -1.47
CA SER C 285 -16.13 24.85 -0.86
C SER C 285 -16.06 24.93 0.67
N PHE C 286 -15.38 23.99 1.32
CA PHE C 286 -15.20 24.06 2.77
C PHE C 286 -13.82 24.59 3.17
N LEU C 287 -12.78 24.30 2.39
CA LEU C 287 -11.45 24.90 2.62
C LEU C 287 -11.55 26.42 2.54
N ALA C 288 -12.09 26.90 1.42
CA ALA C 288 -12.25 28.34 1.16
C ALA C 288 -13.72 28.76 1.31
N GLY C 289 -14.02 30.01 0.96
CA GLY C 289 -15.35 30.59 1.13
C GLY C 289 -15.55 31.12 2.55
N ARG C 290 -16.80 31.20 2.99
CA ARG C 290 -17.11 31.53 4.38
C ARG C 290 -18.54 31.11 4.77
N ASN C 291 -18.94 29.92 4.30
CA ASN C 291 -20.20 29.29 4.69
C ASN C 291 -20.02 28.41 5.94
N ALA C 292 -18.80 27.90 6.12
CA ALA C 292 -18.43 27.10 7.29
C ALA C 292 -18.38 27.96 8.55
N LYS C 293 -17.92 29.20 8.42
CA LYS C 293 -17.87 30.14 9.55
C LYS C 293 -19.26 30.66 9.98
N CYS C 294 -20.27 30.48 9.14
CA CYS C 294 -21.66 30.79 9.48
C CYS C 294 -22.31 29.64 10.23
N SER C 295 -22.20 28.44 9.65
CA SER C 295 -22.75 27.23 10.23
C SER C 295 -22.01 26.83 11.51
N ALA C 296 -20.70 27.12 11.56
CA ALA C 296 -19.91 26.93 12.78
C ALA C 296 -20.33 27.93 13.86
N GLU C 297 -20.65 29.15 13.44
CA GLU C 297 -21.15 30.18 14.35
C GLU C 297 -22.51 29.76 14.93
N PHE C 298 -23.36 29.22 14.07
CA PHE C 298 -24.69 28.70 14.46
C PHE C 298 -24.61 27.63 15.54
N ILE C 299 -23.59 26.77 15.46
CA ILE C 299 -23.41 25.68 16.43
C ILE C 299 -22.77 26.15 17.74
N LYS C 300 -21.91 27.16 17.68
CA LYS C 300 -21.25 27.72 18.88
C LYS C 300 -22.24 28.32 19.91
N SER C 301 -23.46 28.64 19.47
CA SER C 301 -24.58 28.94 20.37
C SER C 301 -25.94 28.77 19.66
N THR C 302 -26.45 27.54 19.64
CA THR C 302 -27.69 27.19 18.90
C THR C 302 -28.99 27.77 19.46
N PRO C 303 -29.17 27.76 20.80
CA PRO C 303 -30.43 28.32 21.32
C PRO C 303 -30.42 29.86 21.42
N LYS C 304 -29.23 30.45 21.32
CA LYS C 304 -29.03 31.88 21.55
C LYS C 304 -29.07 32.71 20.26
N LYS C 305 -28.52 32.18 19.17
CA LYS C 305 -28.27 32.97 17.95
C LYS C 305 -28.82 32.34 16.66
N THR C 306 -29.66 33.09 15.95
CA THR C 306 -30.46 32.58 14.82
C THR C 306 -29.73 32.64 13.47
N TRP C 307 -30.38 32.09 12.43
CA TRP C 307 -29.84 32.08 11.05
C TRP C 307 -29.79 33.46 10.40
N GLU C 308 -30.84 34.25 10.61
CA GLU C 308 -30.97 35.59 10.00
C GLU C 308 -29.86 36.54 10.48
N GLU C 309 -29.54 36.46 11.77
CA GLU C 309 -28.42 37.17 12.39
C GLU C 309 -27.08 36.88 11.70
N LEU C 310 -26.83 35.61 11.38
CA LEU C 310 -25.54 35.14 10.82
C LEU C 310 -25.37 35.43 9.32
N GLU C 311 -26.48 35.58 8.60
CA GLU C 311 -26.45 36.07 7.20
C GLU C 311 -25.78 37.44 7.16
N ASN C 312 -26.18 38.28 8.12
CA ASN C 312 -25.66 39.65 8.21
C ASN C 312 -24.26 39.73 8.85
N GLU C 313 -24.15 39.19 10.05
CA GLU C 313 -22.92 39.27 10.86
C GLU C 313 -21.67 38.70 10.16
N ILE C 314 -21.84 37.61 9.41
CA ILE C 314 -20.70 36.87 8.82
C ILE C 314 -20.58 37.06 7.30
N LEU C 315 -21.68 36.88 6.57
CA LEU C 315 -21.65 36.92 5.09
C LEU C 315 -21.93 38.30 4.49
N LYS C 316 -21.81 39.35 5.30
CA LYS C 316 -22.01 40.74 4.87
C LYS C 316 -23.42 40.99 4.28
N GLY C 317 -24.43 40.35 4.86
CA GLY C 317 -25.82 40.49 4.42
C GLY C 317 -26.34 39.40 3.48
N GLN C 318 -25.43 38.57 2.96
CA GLN C 318 -25.77 37.52 1.99
C GLN C 318 -26.47 36.31 2.63
N LYS C 319 -27.44 35.73 1.91
CA LYS C 319 -28.15 34.53 2.38
C LYS C 319 -27.28 33.27 2.20
N LEU C 320 -27.37 32.36 3.17
CA LEU C 320 -26.60 31.10 3.15
C LEU C 320 -27.29 30.06 2.25
N GLN C 321 -26.59 29.64 1.19
CA GLN C 321 -27.12 28.68 0.23
C GLN C 321 -27.35 27.29 0.85
N GLY C 322 -26.49 26.93 1.80
CA GLY C 322 -26.54 25.60 2.44
C GLY C 322 -27.82 25.33 3.23
N THR C 323 -28.27 26.33 3.98
CA THR C 323 -29.45 26.19 4.81
C THR C 323 -30.72 26.04 3.94
N VAL C 324 -30.79 26.81 2.85
CA VAL C 324 -31.93 26.76 1.95
C VAL C 324 -32.00 25.41 1.22
N THR C 325 -30.88 24.99 0.64
CA THR C 325 -30.79 23.70 -0.05
C THR C 325 -31.26 22.56 0.84
N LEU C 326 -30.79 22.57 2.09
CA LEU C 326 -31.13 21.55 3.07
C LEU C 326 -32.65 21.47 3.30
N LYS C 327 -33.28 22.63 3.43
CA LYS C 327 -34.73 22.72 3.70
C LYS C 327 -35.55 21.97 2.64
N TYR C 328 -35.25 22.22 1.38
CA TYR C 328 -35.98 21.60 0.27
C TYR C 328 -35.56 20.17 0.00
N VAL C 329 -34.27 19.87 0.22
CA VAL C 329 -33.78 18.50 0.10
C VAL C 329 -34.48 17.60 1.12
N TYR C 330 -34.50 18.05 2.37
CA TYR C 330 -35.14 17.29 3.46
C TYR C 330 -36.63 17.12 3.22
N HIS C 331 -37.29 18.18 2.74
CA HIS C 331 -38.72 18.15 2.47
C HIS C 331 -39.07 17.05 1.48
N MET C 332 -38.28 16.93 0.41
CA MET C 332 -38.47 15.87 -0.57
C MET C 332 -38.23 14.50 0.04
N ILE C 333 -37.23 14.40 0.90
CA ILE C 333 -36.92 13.15 1.60
C ILE C 333 -38.07 12.80 2.53
N LYS C 334 -38.55 13.79 3.28
CA LYS C 334 -39.60 13.60 4.28
C LYS C 334 -40.90 13.11 3.63
N GLU C 335 -41.30 13.76 2.54
CA GLU C 335 -42.52 13.40 1.81
C GLU C 335 -42.52 11.96 1.32
N LYS C 336 -41.35 11.47 0.91
CA LYS C 336 -41.23 10.08 0.45
C LYS C 336 -40.99 9.12 1.63
N ASN C 337 -40.93 9.67 2.84
CA ASN C 337 -40.70 8.91 4.06
C ASN C 337 -39.40 8.09 4.02
N MET C 338 -38.30 8.77 3.68
CA MET C 338 -37.00 8.12 3.54
C MET C 338 -35.95 8.68 4.49
N THR C 339 -36.37 9.39 5.53
CA THR C 339 -35.42 10.00 6.48
C THR C 339 -34.47 8.99 7.11
N ASN C 340 -34.91 7.75 7.20
CA ASN C 340 -34.08 6.64 7.68
C ASN C 340 -32.85 6.40 6.78
N GLU C 341 -33.02 6.59 5.48
CA GLU C 341 -31.95 6.37 4.49
C GLU C 341 -31.05 7.60 4.30
N PHE C 342 -31.45 8.74 4.87
CA PHE C 342 -30.66 9.97 4.83
C PHE C 342 -30.41 10.49 6.25
N PRO C 343 -29.71 9.70 7.08
CA PRO C 343 -29.52 10.08 8.48
C PRO C 343 -28.84 11.44 8.68
N LEU C 344 -27.82 11.73 7.88
CA LEU C 344 -27.08 12.99 8.02
C LEU C 344 -27.93 14.19 7.66
N PHE C 345 -28.51 14.17 6.45
CA PHE C 345 -29.37 15.27 6.01
C PHE C 345 -30.51 15.50 7.01
N THR C 346 -31.00 14.40 7.58
CA THR C 346 -32.09 14.46 8.55
C THR C 346 -31.66 15.18 9.83
N VAL C 347 -30.56 14.75 10.43
CA VAL C 347 -30.09 15.36 11.67
C VAL C 347 -29.59 16.77 11.44
N LEU C 348 -29.00 17.01 10.28
CA LEU C 348 -28.58 18.37 9.89
C LEU C 348 -29.77 19.33 9.83
N HIS C 349 -30.90 18.81 9.33
CA HIS C 349 -32.13 19.58 9.26
C HIS C 349 -32.69 19.84 10.67
N LYS C 350 -32.69 18.80 11.49
CA LYS C 350 -33.14 18.90 12.87
C LYS C 350 -32.33 19.95 13.64
N ILE C 351 -31.01 19.90 13.52
CA ILE C 351 -30.14 20.84 14.23
C ILE C 351 -30.32 22.28 13.70
N SER C 352 -30.44 22.41 12.38
CA SER C 352 -30.55 23.74 11.74
C SER C 352 -31.89 24.44 12.00
N PHE C 353 -32.98 23.68 11.93
CA PHE C 353 -34.33 24.25 11.93
C PHE C 353 -35.25 23.82 13.08
N GLU C 354 -34.97 22.68 13.71
CA GLU C 354 -35.87 22.13 14.73
C GLU C 354 -35.22 22.10 16.13
N ASN C 355 -34.25 22.99 16.35
CA ASN C 355 -33.62 23.16 17.67
C ASN C 355 -33.07 21.87 18.30
N GLU C 356 -32.52 20.99 17.47
CA GLU C 356 -31.94 19.75 17.95
C GLU C 356 -30.53 20.02 18.48
N ASP C 357 -30.15 19.33 19.55
CA ASP C 357 -28.84 19.49 20.16
C ASP C 357 -27.76 19.04 19.16
N PRO C 358 -26.78 19.92 18.85
CA PRO C 358 -25.63 19.59 18.00
C PRO C 358 -24.95 18.26 18.30
N SER C 359 -24.99 17.81 19.55
CA SER C 359 -24.47 16.50 19.95
C SER C 359 -25.11 15.35 19.14
N SER C 360 -26.35 15.56 18.71
CA SER C 360 -27.08 14.57 17.91
C SER C 360 -26.41 14.23 16.58
N LEU C 361 -25.60 15.16 16.07
CA LEU C 361 -24.82 14.91 14.85
C LEU C 361 -23.97 13.65 14.97
N LEU C 362 -23.11 13.61 15.98
CA LEU C 362 -22.26 12.44 16.24
C LEU C 362 -23.05 11.21 16.69
N LYS C 363 -24.10 11.42 17.48
CA LYS C 363 -24.92 10.32 17.97
C LYS C 363 -25.62 9.57 16.84
N THR C 364 -25.87 10.27 15.73
CA THR C 364 -26.47 9.65 14.55
C THR C 364 -25.61 8.52 14.00
N PHE C 365 -24.29 8.69 14.07
CA PHE C 365 -23.34 7.73 13.49
C PHE C 365 -22.59 6.89 14.52
N MET C 366 -22.50 7.40 15.75
CA MET C 366 -21.87 6.65 16.85
C MET C 366 -22.90 5.73 17.49
N ASN C 367 -23.02 4.53 16.92
CA ASN C 367 -23.96 3.53 17.37
C ASN C 367 -23.45 2.12 17.11
N ASN C 368 -24.20 1.12 17.55
CA ASN C 368 -23.84 -0.28 17.36
C ASN C 368 -24.53 -0.89 16.15
N LYS C 369 -25.05 -0.05 15.26
CA LYS C 369 -25.65 -0.53 14.02
C LYS C 369 -24.56 -1.10 13.10
N ILE C 370 -24.75 -2.34 12.65
CA ILE C 370 -23.75 -3.03 11.84
C ILE C 370 -24.18 -3.06 10.38
N ASN C 371 -23.32 -2.50 9.52
CA ASN C 371 -23.60 -2.33 8.10
C ASN C 371 -23.44 -3.65 7.32
N GLN C 372 -24.34 -3.89 6.37
CA GLN C 372 -24.27 -5.06 5.49
C GLN C 372 -24.27 -4.60 4.03
#